data_6CLV
#
_entry.id   6CLV
#
_cell.length_a   79.750
_cell.length_b   79.750
_cell.length_c   175.400
_cell.angle_alpha   90.00
_cell.angle_beta   90.00
_cell.angle_gamma   90.00
#
_symmetry.space_group_name_H-M   'P 43'
#
loop_
_entity.id
_entity.type
_entity.pdbx_description
1 polymer 'Dihydropteroate synthase'
2 non-polymer 4-{[(2-amino-4-oxo-3,4-dihydropteridin-6-yl)methyl]amino}-N-(3,4-dimethyl-1,2-oxazol-5-yl)benzene-1-sulfonamide
3 water water
#
_entity_poly.entity_id   1
_entity_poly.type   'polypeptide(L)'
_entity_poly.pdbx_seq_one_letter_code
;MGHHHHHHHHHHSSGHIEGRHMLEMTKTKIMGILNVTPDSLSDGGKFNNVESAVTRVKAMMDEGADIIDVGGVSTRPGHE
MITVEEELNRVLPVVEAIVGFDVKISVDTFRSEVAEACLKLGVDIINDQWAGLYDHRMFQVVAKYDAEIVLMHNGNGNRD
EPVVEEMLTSLLAQAHQAKIAGIPSNKIWLDPGIGFAKTRNEEAEVMARLDELVATEYPVLLATSRKRFTKKMMGYDTTP
VERDEVTAATTAYGIMKGVRAVRVHNVELNAKLAKGIDFLKENENARHNFS
;
_entity_poly.pdbx_strand_id   A,B,C,D
#
# COMPACT_ATOMS: atom_id res chain seq x y z
N THR A 26 2.31 -13.57 -8.00
CA THR A 26 1.87 -12.54 -7.05
C THR A 26 3.02 -12.05 -6.19
N LYS A 27 2.69 -11.60 -4.99
CA LYS A 27 3.69 -11.09 -4.06
C LYS A 27 4.46 -12.23 -3.42
N THR A 28 5.64 -11.90 -2.89
CA THR A 28 6.44 -12.85 -2.14
C THR A 28 5.94 -12.89 -0.70
N LYS A 29 5.54 -14.07 -0.23
CA LYS A 29 5.00 -14.18 1.12
C LYS A 29 6.11 -13.99 2.14
N ILE A 30 5.77 -13.31 3.24
CA ILE A 30 6.72 -13.01 4.31
C ILE A 30 6.33 -13.88 5.49
N MET A 31 7.19 -14.86 5.81
CA MET A 31 6.95 -15.78 6.92
C MET A 31 7.75 -15.30 8.13
N GLY A 32 7.04 -14.93 9.20
CA GLY A 32 7.67 -14.48 10.42
C GLY A 32 7.96 -15.64 11.36
N ILE A 33 9.02 -15.53 12.11
CA ILE A 33 9.36 -16.57 13.05
C ILE A 33 8.78 -16.33 14.41
N LEU A 34 8.07 -17.28 14.97
CA LEU A 34 7.64 -17.17 16.33
C LEU A 34 8.13 -18.37 17.07
N ASN A 35 9.07 -18.15 17.95
CA ASN A 35 9.66 -19.22 18.67
C ASN A 35 9.04 -19.38 19.97
N VAL A 36 8.52 -20.55 20.26
CA VAL A 36 7.78 -20.75 21.51
C VAL A 36 8.73 -20.67 22.67
N THR A 37 9.92 -21.14 22.46
CA THR A 37 10.98 -21.39 23.39
C THR A 37 12.08 -20.36 23.22
N PRO A 38 12.91 -20.14 24.25
CA PRO A 38 14.06 -19.24 24.09
C PRO A 38 15.05 -19.80 23.09
N ASP A 39 15.61 -18.90 22.28
CA ASP A 39 16.57 -19.29 21.25
C ASP A 39 17.63 -18.21 21.14
N SER A 40 18.83 -18.61 20.73
CA SER A 40 19.95 -17.68 20.70
C SER A 40 19.77 -16.59 19.66
N LEU A 41 19.04 -16.87 18.58
CA LEU A 41 18.87 -15.90 17.50
C LEU A 41 17.70 -14.95 17.72
N SER A 42 16.85 -15.22 18.71
CA SER A 42 15.72 -14.35 19.00
C SER A 42 16.07 -13.34 20.10
N ASN A 49 4.86 -16.87 27.39
CA ASN A 49 3.59 -16.28 27.80
C ASN A 49 2.63 -16.15 26.62
N VAL A 50 1.36 -16.51 26.84
CA VAL A 50 0.38 -16.50 25.76
C VAL A 50 -0.01 -15.07 25.42
N GLU A 51 -0.35 -14.27 26.43
CA GLU A 51 -0.78 -12.89 26.19
C GLU A 51 0.33 -12.07 25.53
N SER A 52 1.58 -12.30 25.92
CA SER A 52 2.69 -11.57 25.32
C SER A 52 3.02 -12.08 23.93
N ALA A 53 2.72 -13.36 23.65
CA ALA A 53 2.96 -13.90 22.32
C ALA A 53 1.99 -13.30 21.30
N VAL A 54 0.72 -13.15 21.70
CA VAL A 54 -0.28 -12.55 20.80
C VAL A 54 0.10 -11.13 20.46
N THR A 55 0.72 -10.41 21.41
CA THR A 55 1.18 -9.06 21.14
C THR A 55 2.23 -9.05 20.05
N ARG A 56 3.17 -9.99 20.09
CA ARG A 56 4.18 -10.10 19.05
C ARG A 56 3.56 -10.50 17.71
N VAL A 57 2.59 -11.42 17.74
CA VAL A 57 1.94 -11.85 16.50
C VAL A 57 1.22 -10.67 15.84
N LYS A 58 0.54 -9.86 16.64
CA LYS A 58 -0.13 -8.67 16.10
C LYS A 58 0.89 -7.67 15.56
N ALA A 59 2.06 -7.59 16.20
CA ALA A 59 3.09 -6.69 15.69
C ALA A 59 3.69 -7.19 14.39
N MET A 60 3.86 -8.50 14.26
CA MET A 60 4.47 -9.07 13.05
C MET A 60 3.64 -8.77 11.81
N MET A 61 2.31 -8.97 11.88
CA MET A 61 1.45 -8.72 10.73
C MET A 61 1.48 -7.26 10.32
N ASP A 62 1.59 -6.35 11.29
CA ASP A 62 1.69 -4.92 10.99
C ASP A 62 3.01 -4.59 10.31
N GLU A 63 4.05 -5.39 10.56
CA GLU A 63 5.32 -5.20 9.88
C GLU A 63 5.31 -5.85 8.49
N GLY A 64 4.32 -6.67 8.19
CA GLY A 64 4.15 -7.18 6.85
C GLY A 64 4.18 -8.70 6.75
N ALA A 65 3.97 -9.38 7.88
CA ALA A 65 4.04 -10.84 7.88
C ALA A 65 2.81 -11.44 7.21
N ASP A 66 3.05 -12.28 6.20
CA ASP A 66 1.98 -13.00 5.53
C ASP A 66 1.70 -14.35 6.17
N ILE A 67 2.73 -14.98 6.75
CA ILE A 67 2.60 -16.26 7.42
C ILE A 67 3.25 -16.14 8.79
N ILE A 68 2.68 -16.86 9.76
CA ILE A 68 3.21 -16.91 11.12
C ILE A 68 3.63 -18.35 11.36
N ASP A 69 4.94 -18.59 11.47
CA ASP A 69 5.47 -19.92 11.70
C ASP A 69 5.71 -20.10 13.20
N VAL A 70 4.87 -20.91 13.84
CA VAL A 70 5.01 -21.21 15.26
C VAL A 70 5.83 -22.49 15.37
N GLY A 71 6.93 -22.41 16.09
CA GLY A 71 7.81 -23.55 16.26
C GLY A 71 8.20 -23.76 17.70
N GLY A 72 8.43 -25.02 18.04
CA GLY A 72 8.82 -25.37 19.40
C GLY A 72 9.79 -26.53 19.44
N VAL A 73 10.39 -26.86 18.29
CA VAL A 73 11.32 -27.96 18.17
C VAL A 73 12.57 -27.50 17.44
N SER A 74 13.58 -28.37 17.43
CA SER A 74 14.82 -28.12 16.71
C SER A 74 15.42 -29.46 16.32
N THR A 75 15.58 -29.68 15.01
CA THR A 75 16.16 -30.90 14.50
C THR A 75 17.68 -30.87 14.47
N ARG A 76 18.30 -29.86 15.08
CA ARG A 76 19.75 -29.78 15.12
C ARG A 76 20.31 -30.86 16.06
N PRO A 77 21.54 -31.30 15.82
CA PRO A 77 22.16 -32.27 16.75
C PRO A 77 22.37 -31.69 18.14
N GLY A 78 22.56 -30.37 18.26
CA GLY A 78 22.75 -29.75 19.55
C GLY A 78 21.46 -29.51 20.29
N HIS A 79 20.70 -30.58 20.53
CA HIS A 79 19.43 -30.50 21.24
C HIS A 79 19.01 -31.91 21.63
N GLU A 80 18.03 -31.99 22.51
CA GLU A 80 17.43 -33.24 22.94
C GLU A 80 15.96 -33.24 22.57
N MET A 81 15.51 -34.31 21.92
CA MET A 81 14.13 -34.41 21.48
C MET A 81 13.17 -34.46 22.66
N ILE A 82 12.13 -33.63 22.59
CA ILE A 82 11.13 -33.53 23.64
C ILE A 82 9.91 -34.33 23.23
N THR A 83 9.10 -34.70 24.23
CA THR A 83 7.92 -35.52 23.97
C THR A 83 6.85 -34.77 23.19
N VAL A 84 5.92 -35.54 22.61
CA VAL A 84 4.82 -34.94 21.85
C VAL A 84 3.92 -34.12 22.77
N GLU A 85 3.64 -34.64 23.96
CA GLU A 85 2.77 -33.92 24.89
C GLU A 85 3.40 -32.60 25.30
N GLU A 86 4.72 -32.57 25.49
CA GLU A 86 5.39 -31.32 25.82
C GLU A 86 5.31 -30.33 24.67
N GLU A 87 5.43 -30.83 23.43
CA GLU A 87 5.36 -29.94 22.28
C GLU A 87 4.00 -29.31 22.12
N LEU A 88 2.92 -30.09 22.32
CA LEU A 88 1.59 -29.53 22.17
C LEU A 88 1.31 -28.49 23.25
N ASN A 89 1.81 -28.73 24.47
CA ASN A 89 1.69 -27.74 25.54
C ASN A 89 2.43 -26.45 25.18
N ARG A 90 3.36 -26.53 24.22
CA ARG A 90 4.11 -25.36 23.79
C ARG A 90 3.37 -24.57 22.70
N VAL A 91 2.92 -25.27 21.65
CA VAL A 91 2.37 -24.59 20.47
C VAL A 91 0.90 -24.25 20.66
N LEU A 92 0.10 -25.19 21.19
CA LEU A 92 -1.35 -25.00 21.16
C LEU A 92 -1.85 -23.80 21.97
N PRO A 93 -1.28 -23.49 23.14
CA PRO A 93 -1.73 -22.26 23.82
C PRO A 93 -1.57 -21.00 22.99
N VAL A 94 -0.51 -20.91 22.17
CA VAL A 94 -0.29 -19.76 21.31
C VAL A 94 -1.12 -19.90 20.02
N VAL A 95 -1.18 -21.12 19.47
CA VAL A 95 -1.91 -21.32 18.23
C VAL A 95 -3.39 -21.06 18.45
N GLU A 96 -3.92 -21.62 19.56
CA GLU A 96 -5.35 -21.48 19.84
C GLU A 96 -5.74 -20.02 19.91
N ALA A 97 -4.84 -19.17 20.38
CA ALA A 97 -5.13 -17.75 20.48
C ALA A 97 -5.10 -17.07 19.13
N ILE A 98 -4.23 -17.53 18.22
CA ILE A 98 -3.96 -16.82 16.98
C ILE A 98 -4.69 -17.37 15.76
N VAL A 99 -5.40 -18.51 15.88
CA VAL A 99 -6.08 -19.06 14.71
C VAL A 99 -7.20 -18.14 14.24
N GLY A 100 -7.72 -17.29 15.12
CA GLY A 100 -8.80 -16.41 14.74
C GLY A 100 -8.39 -15.12 14.05
N PHE A 101 -7.13 -14.96 13.69
CA PHE A 101 -6.69 -13.74 13.03
C PHE A 101 -6.71 -13.91 11.52
N ASP A 102 -6.59 -12.77 10.82
CA ASP A 102 -6.60 -12.76 9.36
C ASP A 102 -5.18 -12.94 8.82
N VAL A 103 -4.62 -14.12 9.09
CA VAL A 103 -3.25 -14.42 8.69
C VAL A 103 -3.13 -15.93 8.57
N LYS A 104 -2.31 -16.38 7.62
CA LYS A 104 -2.00 -17.79 7.52
C LYS A 104 -1.09 -18.22 8.66
N ILE A 105 -1.33 -19.41 9.18
CA ILE A 105 -0.63 -19.93 10.35
C ILE A 105 0.19 -21.15 9.92
N SER A 106 1.48 -21.13 10.22
CA SER A 106 2.37 -22.24 9.95
C SER A 106 2.85 -22.82 11.27
N VAL A 107 2.92 -24.14 11.35
CA VAL A 107 3.39 -24.85 12.53
C VAL A 107 4.66 -25.59 12.16
N ASP A 108 5.74 -25.32 12.89
CA ASP A 108 7.04 -25.94 12.64
C ASP A 108 7.11 -27.22 13.48
N THR A 109 6.76 -28.35 12.86
CA THR A 109 6.80 -29.63 13.54
C THR A 109 7.05 -30.73 12.52
N PHE A 110 7.56 -31.87 13.00
CA PHE A 110 7.85 -33.01 12.15
C PHE A 110 7.13 -34.27 12.60
N ARG A 111 6.24 -34.17 13.59
CA ARG A 111 5.47 -35.30 14.09
C ARG A 111 4.00 -35.09 13.73
N SER A 112 3.38 -36.14 13.17
CA SER A 112 2.03 -36.01 12.64
C SER A 112 1.01 -35.71 13.74
N GLU A 113 1.25 -36.19 14.96
CA GLU A 113 0.30 -35.95 16.05
C GLU A 113 0.20 -34.46 16.37
N VAL A 114 1.32 -33.74 16.29
CA VAL A 114 1.31 -32.31 16.57
C VAL A 114 0.65 -31.55 15.43
N ALA A 115 0.95 -31.94 14.18
CA ALA A 115 0.38 -31.24 13.04
C ALA A 115 -1.12 -31.47 12.92
N GLU A 116 -1.57 -32.71 13.17
CA GLU A 116 -2.99 -33.00 13.10
C GLU A 116 -3.76 -32.21 14.16
N ALA A 117 -3.21 -32.11 15.37
CA ALA A 117 -3.87 -31.36 16.42
C ALA A 117 -3.99 -29.89 16.04
N CYS A 118 -2.95 -29.34 15.41
CA CYS A 118 -3.01 -27.95 14.96
C CYS A 118 -3.91 -27.80 13.73
N LEU A 119 -3.89 -28.80 12.85
CA LEU A 119 -4.75 -28.76 11.68
C LEU A 119 -6.23 -28.79 12.07
N LYS A 120 -6.56 -29.44 13.19
CA LYS A 120 -7.94 -29.43 13.67
C LYS A 120 -8.35 -28.06 14.16
N LEU A 121 -7.40 -27.25 14.63
CA LEU A 121 -7.73 -25.90 15.04
C LEU A 121 -7.87 -24.94 13.87
N GLY A 122 -7.27 -25.25 12.72
CA GLY A 122 -7.46 -24.44 11.54
C GLY A 122 -6.20 -23.80 10.99
N VAL A 123 -5.03 -24.38 11.30
CA VAL A 123 -3.80 -23.85 10.74
C VAL A 123 -3.74 -24.15 9.24
N ASP A 124 -2.98 -23.34 8.51
CA ASP A 124 -2.93 -23.42 7.06
C ASP A 124 -1.70 -24.15 6.52
N ILE A 125 -0.54 -24.01 7.16
CA ILE A 125 0.72 -24.53 6.65
C ILE A 125 1.37 -25.38 7.73
N ILE A 126 1.95 -26.51 7.34
CA ILE A 126 2.73 -27.36 8.22
C ILE A 126 4.17 -27.32 7.75
N ASN A 127 5.05 -26.72 8.55
CA ASN A 127 6.47 -26.59 8.24
C ASN A 127 7.19 -27.83 8.77
N ASP A 128 7.45 -28.79 7.91
CA ASP A 128 8.10 -30.04 8.29
C ASP A 128 9.60 -29.92 8.03
N GLN A 129 10.39 -30.02 9.09
CA GLN A 129 11.84 -29.91 8.98
C GLN A 129 12.48 -31.19 8.45
N TRP A 130 11.78 -32.32 8.51
CA TRP A 130 12.30 -33.57 8.00
C TRP A 130 11.66 -33.99 6.68
N ALA A 131 10.74 -33.19 6.15
CA ALA A 131 10.11 -33.45 4.85
C ALA A 131 9.43 -34.82 4.82
N GLY A 132 8.83 -35.20 5.95
CA GLY A 132 8.14 -36.46 6.05
C GLY A 132 9.02 -37.66 6.30
N LEU A 133 10.34 -37.48 6.42
CA LEU A 133 11.23 -38.61 6.65
C LEU A 133 11.10 -39.15 8.07
N TYR A 134 10.88 -38.26 9.04
CA TYR A 134 10.73 -38.73 10.42
C TYR A 134 9.39 -39.43 10.61
N ASP A 135 8.31 -38.80 10.15
CA ASP A 135 6.97 -39.37 10.24
C ASP A 135 6.34 -39.30 8.85
N HIS A 136 6.19 -40.46 8.20
CA HIS A 136 5.63 -40.47 6.86
C HIS A 136 4.12 -40.21 6.88
N ARG A 137 3.47 -40.29 8.03
CA ARG A 137 2.06 -39.98 8.11
C ARG A 137 1.77 -38.50 7.95
N MET A 138 2.81 -37.67 7.83
CA MET A 138 2.61 -36.23 7.68
C MET A 138 1.91 -35.91 6.35
N PHE A 139 2.22 -36.67 5.30
CA PHE A 139 1.61 -36.40 4.00
C PHE A 139 0.12 -36.70 4.02
N GLN A 140 -0.27 -37.83 4.62
CA GLN A 140 -1.69 -38.16 4.69
C GLN A 140 -2.46 -37.18 5.57
N VAL A 141 -1.82 -36.65 6.61
CA VAL A 141 -2.51 -35.71 7.51
C VAL A 141 -2.67 -34.34 6.85
N VAL A 142 -1.62 -33.85 6.19
CA VAL A 142 -1.72 -32.55 5.53
C VAL A 142 -2.70 -32.62 4.36
N ALA A 143 -2.63 -33.68 3.56
CA ALA A 143 -3.57 -33.86 2.46
C ALA A 143 -4.98 -34.03 2.98
N LYS A 144 -5.13 -34.56 4.19
CA LYS A 144 -6.46 -34.75 4.78
C LYS A 144 -7.17 -33.43 4.97
N TYR A 145 -6.45 -32.40 5.40
CA TYR A 145 -7.03 -31.09 5.69
C TYR A 145 -6.85 -30.09 4.55
N ASP A 146 -6.41 -30.55 3.38
CA ASP A 146 -6.22 -29.70 2.21
C ASP A 146 -5.36 -28.48 2.55
N ALA A 147 -4.25 -28.74 3.23
CA ALA A 147 -3.34 -27.70 3.70
C ALA A 147 -2.04 -27.73 2.90
N GLU A 148 -1.18 -26.77 3.19
CA GLU A 148 0.12 -26.67 2.55
C GLU A 148 1.20 -27.23 3.47
N ILE A 149 2.24 -27.79 2.87
CA ILE A 149 3.34 -28.40 3.62
C ILE A 149 4.66 -27.85 3.09
N VAL A 150 5.59 -27.60 3.99
CA VAL A 150 6.94 -27.16 3.65
C VAL A 150 7.88 -28.34 3.88
N LEU A 151 8.65 -28.68 2.85
CA LEU A 151 9.60 -29.79 2.89
C LEU A 151 11.00 -29.22 2.95
N MET A 152 11.65 -29.33 4.11
CA MET A 152 12.98 -28.79 4.32
C MET A 152 14.03 -29.89 4.15
N HIS A 153 15.13 -29.54 3.48
CA HIS A 153 16.24 -30.47 3.32
C HIS A 153 17.00 -30.59 4.64
N ASN A 154 17.19 -31.81 5.11
CA ASN A 154 17.87 -32.05 6.39
C ASN A 154 18.63 -33.37 6.31
N GLY A 155 19.39 -33.65 7.36
CA GLY A 155 20.16 -34.86 7.43
C GLY A 155 21.24 -34.75 8.49
N ASN A 156 22.12 -35.75 8.50
CA ASN A 156 23.24 -35.80 9.43
C ASN A 156 24.50 -35.17 8.87
N GLY A 157 24.54 -34.85 7.58
CA GLY A 157 25.71 -34.27 6.95
C GLY A 157 26.46 -35.19 6.02
N ASN A 158 26.07 -36.46 5.94
CA ASN A 158 26.74 -37.43 5.07
C ASN A 158 25.97 -37.61 3.78
N ARG A 159 26.70 -37.75 2.68
CA ARG A 159 26.08 -37.92 1.37
C ARG A 159 27.10 -38.51 0.41
N ASP A 160 26.61 -39.27 -0.58
CA ASP A 160 27.44 -39.87 -1.59
C ASP A 160 27.51 -39.04 -2.87
N GLU A 161 26.76 -37.94 -2.98
CA GLU A 161 26.68 -37.11 -4.11
C GLU A 161 26.89 -35.63 -3.67
N PRO A 162 27.16 -34.75 -4.65
CA PRO A 162 27.24 -33.32 -4.28
C PRO A 162 25.97 -32.86 -3.59
N VAL A 163 26.13 -31.82 -2.75
CA VAL A 163 25.04 -31.40 -1.88
C VAL A 163 23.83 -30.94 -2.69
N VAL A 164 24.06 -30.28 -3.83
CA VAL A 164 22.95 -29.79 -4.63
C VAL A 164 22.20 -30.95 -5.27
N GLU A 165 22.93 -31.91 -5.83
CA GLU A 165 22.28 -33.08 -6.43
C GLU A 165 21.60 -33.92 -5.37
N GLU A 166 22.22 -34.05 -4.19
CA GLU A 166 21.59 -34.80 -3.10
C GLU A 166 20.36 -34.07 -2.58
N MET A 167 20.41 -32.74 -2.51
CA MET A 167 19.26 -31.98 -2.03
C MET A 167 18.09 -32.09 -2.99
N LEU A 168 18.34 -31.95 -4.29
CA LEU A 168 17.27 -32.05 -5.27
C LEU A 168 16.69 -33.47 -5.31
N THR A 169 17.55 -34.48 -5.20
CA THR A 169 17.08 -35.86 -5.21
C THR A 169 16.19 -36.15 -4.00
N SER A 170 16.57 -35.63 -2.83
CA SER A 170 15.80 -35.91 -1.62
C SER A 170 14.48 -35.14 -1.62
N LEU A 171 14.52 -33.86 -2.01
CA LEU A 171 13.31 -33.04 -1.95
C LEU A 171 12.28 -33.46 -2.98
N LEU A 172 12.71 -33.77 -4.21
CA LEU A 172 11.77 -34.17 -5.25
C LEU A 172 11.10 -35.49 -4.91
N ALA A 173 11.81 -36.40 -4.26
CA ALA A 173 11.19 -37.65 -3.82
C ALA A 173 10.13 -37.40 -2.76
N GLN A 174 10.42 -36.53 -1.81
CA GLN A 174 9.43 -36.18 -0.79
C GLN A 174 8.29 -35.36 -1.36
N ALA A 175 8.56 -34.52 -2.36
CA ALA A 175 7.49 -33.75 -2.99
C ALA A 175 6.52 -34.66 -3.73
N HIS A 176 7.02 -35.74 -4.33
CA HIS A 176 6.14 -36.69 -4.99
C HIS A 176 5.30 -37.47 -3.98
N GLN A 177 5.88 -37.77 -2.82
CA GLN A 177 5.13 -38.48 -1.79
C GLN A 177 3.95 -37.66 -1.29
N ALA A 178 4.10 -36.33 -1.24
CA ALA A 178 2.97 -35.48 -0.86
C ALA A 178 1.92 -35.43 -1.96
N LYS A 179 2.33 -35.51 -3.22
CA LYS A 179 1.37 -35.49 -4.31
C LYS A 179 0.58 -36.80 -4.37
N ILE A 180 1.23 -37.91 -4.01
CA ILE A 180 0.52 -39.19 -3.94
C ILE A 180 -0.56 -39.13 -2.87
N ALA A 181 -0.27 -38.45 -1.76
CA ALA A 181 -1.26 -38.31 -0.70
C ALA A 181 -2.42 -37.43 -1.12
N GLY A 182 -2.26 -36.62 -2.16
CA GLY A 182 -3.32 -35.75 -2.66
C GLY A 182 -3.00 -34.27 -2.61
N ILE A 183 -1.81 -33.87 -2.19
CA ILE A 183 -1.47 -32.45 -2.11
C ILE A 183 -1.04 -31.96 -3.50
N PRO A 184 -1.64 -30.89 -4.02
CA PRO A 184 -1.24 -30.39 -5.34
C PRO A 184 0.13 -29.72 -5.27
N SER A 185 0.70 -29.49 -6.45
CA SER A 185 2.08 -29.00 -6.52
C SER A 185 2.20 -27.57 -5.98
N ASN A 186 1.19 -26.73 -6.22
CA ASN A 186 1.22 -25.37 -5.71
C ASN A 186 1.34 -25.34 -4.19
N LYS A 187 0.80 -26.34 -3.50
CA LYS A 187 0.76 -26.36 -2.05
C LYS A 187 1.93 -27.13 -1.43
N ILE A 188 2.91 -27.52 -2.23
CA ILE A 188 4.09 -28.23 -1.78
C ILE A 188 5.27 -27.27 -1.84
N TRP A 189 5.81 -26.91 -0.68
CA TRP A 189 6.91 -25.96 -0.60
C TRP A 189 8.23 -26.68 -0.38
N LEU A 190 9.30 -26.12 -0.96
CA LEU A 190 10.63 -26.67 -0.88
C LEU A 190 11.56 -25.68 -0.21
N ASP A 191 12.27 -26.12 0.83
CA ASP A 191 13.24 -25.32 1.55
C ASP A 191 14.61 -25.96 1.41
N PRO A 192 15.63 -25.20 0.98
CA PRO A 192 16.97 -25.79 0.85
C PRO A 192 17.55 -26.26 2.17
N GLY A 193 17.03 -25.80 3.30
CA GLY A 193 17.50 -26.24 4.59
C GLY A 193 18.88 -25.71 4.93
N ILE A 194 19.03 -24.38 4.88
CA ILE A 194 20.30 -23.76 5.22
C ILE A 194 20.55 -23.93 6.72
N GLY A 195 21.73 -24.42 7.06
CA GLY A 195 22.06 -24.72 8.43
C GLY A 195 21.77 -26.14 8.87
N PHE A 196 21.47 -27.04 7.92
CA PHE A 196 21.13 -28.42 8.23
C PHE A 196 21.92 -29.34 7.32
N ALA A 197 22.79 -30.16 7.90
CA ALA A 197 23.56 -31.19 7.18
C ALA A 197 24.41 -30.57 6.08
N LYS A 198 24.87 -29.34 6.28
CA LYS A 198 25.67 -28.64 5.28
C LYS A 198 26.76 -27.85 5.96
N THR A 199 27.92 -27.79 5.32
CA THR A 199 28.99 -26.90 5.74
C THR A 199 28.78 -25.53 5.11
N ARG A 200 29.59 -24.56 5.55
CA ARG A 200 29.50 -23.22 4.97
C ARG A 200 29.85 -23.24 3.49
N ASN A 201 30.73 -24.16 3.08
CA ASN A 201 31.06 -24.30 1.66
C ASN A 201 29.91 -24.97 0.91
N GLU A 202 29.24 -25.94 1.53
CA GLU A 202 28.10 -26.57 0.90
C GLU A 202 26.90 -25.63 0.86
N GLU A 203 26.75 -24.79 1.89
CA GLU A 203 25.69 -23.77 1.87
C GLU A 203 25.93 -22.76 0.76
N ALA A 204 27.19 -22.38 0.53
CA ALA A 204 27.51 -21.47 -0.55
C ALA A 204 27.27 -22.11 -1.91
N GLU A 205 27.43 -23.42 -2.02
CA GLU A 205 27.14 -24.11 -3.28
C GLU A 205 25.65 -24.11 -3.56
N VAL A 206 24.82 -24.23 -2.52
CA VAL A 206 23.38 -24.21 -2.70
C VAL A 206 22.91 -22.80 -3.07
N MET A 207 23.41 -21.80 -2.36
CA MET A 207 22.98 -20.42 -2.60
C MET A 207 23.38 -19.93 -3.99
N ALA A 208 24.44 -20.47 -4.56
CA ALA A 208 24.88 -20.05 -5.88
C ALA A 208 24.06 -20.68 -7.00
N ARG A 209 23.31 -21.74 -6.71
CA ARG A 209 22.52 -22.46 -7.71
C ARG A 209 21.06 -22.55 -7.28
N LEU A 210 20.51 -21.43 -6.80
CA LEU A 210 19.11 -21.41 -6.37
C LEU A 210 18.15 -21.59 -7.54
N ASP A 211 18.57 -21.22 -8.75
CA ASP A 211 17.71 -21.35 -9.92
C ASP A 211 17.38 -22.81 -10.20
N GLU A 212 18.29 -23.73 -9.88
CA GLU A 212 18.01 -25.14 -10.08
C GLU A 212 16.91 -25.65 -9.16
N LEU A 213 16.83 -25.09 -7.94
CA LEU A 213 15.74 -25.47 -7.04
C LEU A 213 14.41 -24.85 -7.44
N VAL A 214 14.45 -23.65 -8.04
CA VAL A 214 13.22 -23.02 -8.51
C VAL A 214 12.72 -23.72 -9.78
N ALA A 215 13.63 -24.28 -10.57
CA ALA A 215 13.22 -25.00 -11.77
C ALA A 215 12.36 -26.22 -11.46
N THR A 216 12.33 -26.66 -10.21
CA THR A 216 11.42 -27.73 -9.80
C THR A 216 9.97 -27.35 -10.05
N GLU A 217 9.68 -26.05 -10.18
CA GLU A 217 8.34 -25.48 -10.31
C GLU A 217 7.53 -25.60 -9.03
N TYR A 218 8.13 -26.03 -7.93
CA TYR A 218 7.48 -25.93 -6.64
C TYR A 218 7.80 -24.58 -6.02
N PRO A 219 6.88 -24.01 -5.23
CA PRO A 219 7.19 -22.77 -4.53
C PRO A 219 8.32 -22.98 -3.53
N VAL A 220 9.33 -22.12 -3.61
CA VAL A 220 10.54 -22.26 -2.81
C VAL A 220 10.48 -21.29 -1.65
N LEU A 221 10.74 -21.79 -0.45
CA LEU A 221 10.84 -20.99 0.75
C LEU A 221 12.30 -20.90 1.18
N LEU A 222 12.79 -19.68 1.37
CA LEU A 222 14.17 -19.45 1.76
C LEU A 222 14.21 -19.01 3.22
N ALA A 223 15.03 -19.69 4.02
CA ALA A 223 15.15 -19.43 5.45
C ALA A 223 16.63 -19.34 5.80
N THR A 224 17.17 -18.12 5.80
CA THR A 224 18.56 -17.87 6.15
C THR A 224 18.69 -16.78 7.21
N SER A 225 17.63 -16.54 7.98
CA SER A 225 17.61 -15.40 8.89
C SER A 225 18.58 -15.61 10.04
N ARG A 226 19.57 -14.72 10.15
CA ARG A 226 20.49 -14.67 11.29
C ARG A 226 21.24 -15.98 11.48
N LYS A 227 21.47 -16.73 10.44
CA LYS A 227 22.16 -17.96 10.52
C LYS A 227 23.63 -17.82 10.28
N ARG A 228 24.38 -18.88 10.52
CA ARG A 228 25.84 -18.80 10.38
C ARG A 228 26.26 -18.46 8.96
N PHE A 229 25.43 -18.77 7.97
CA PHE A 229 25.75 -18.38 6.60
C PHE A 229 25.82 -16.86 6.47
N THR A 230 24.98 -16.22 7.24
CA THR A 230 24.94 -14.80 7.28
C THR A 230 26.17 -14.23 7.85
N LYS A 231 26.78 -14.92 8.79
CA LYS A 231 28.03 -14.50 9.43
C LYS A 231 29.18 -14.50 8.44
N LYS A 232 29.21 -15.46 7.51
CA LYS A 232 30.25 -15.50 6.50
C LYS A 232 30.11 -14.35 5.50
N MET A 233 28.88 -13.88 5.27
CA MET A 233 28.67 -12.77 4.35
C MET A 233 29.30 -11.48 4.87
N MET A 234 29.16 -11.21 6.17
CA MET A 234 29.80 -10.02 6.73
C MET A 234 31.30 -10.23 6.88
N GLY A 235 31.74 -11.45 7.15
CA GLY A 235 33.14 -11.77 7.28
C GLY A 235 33.73 -11.64 8.67
N TYR A 236 32.96 -11.16 9.65
CA TYR A 236 33.46 -10.99 11.00
C TYR A 236 32.40 -11.47 11.98
N ASP A 237 32.81 -11.59 13.24
CA ASP A 237 31.91 -12.12 14.27
C ASP A 237 30.86 -11.07 14.63
N THR A 238 29.60 -11.48 14.64
CA THR A 238 28.50 -10.56 14.86
C THR A 238 27.47 -11.19 15.78
N THR A 239 26.60 -10.36 16.34
CA THR A 239 25.42 -10.80 17.07
C THR A 239 24.28 -11.08 16.11
N PRO A 240 23.31 -11.90 16.50
CA PRO A 240 22.20 -12.22 15.57
C PRO A 240 21.43 -11.01 15.06
N VAL A 241 21.13 -10.04 15.92
CA VAL A 241 20.25 -8.94 15.51
C VAL A 241 20.93 -8.04 14.47
N GLU A 242 22.26 -7.96 14.48
CA GLU A 242 22.95 -7.17 13.46
C GLU A 242 23.13 -7.92 12.15
N ARG A 243 22.53 -9.10 12.02
CA ARG A 243 22.57 -9.86 10.77
C ARG A 243 21.26 -9.75 9.99
N ASP A 244 20.40 -8.81 10.36
CA ASP A 244 19.14 -8.63 9.65
C ASP A 244 19.35 -7.99 8.28
N GLU A 245 20.36 -7.13 8.17
CA GLU A 245 20.63 -6.46 6.89
C GLU A 245 21.09 -7.46 5.84
N VAL A 246 22.06 -8.31 6.19
CA VAL A 246 22.50 -9.35 5.26
C VAL A 246 21.44 -10.40 5.07
N THR A 247 20.52 -10.56 6.02
CA THR A 247 19.38 -11.46 5.82
C THR A 247 18.46 -10.91 4.74
N ALA A 248 18.17 -9.60 4.78
CA ALA A 248 17.38 -8.98 3.73
C ALA A 248 18.07 -9.07 2.37
N ALA A 249 19.41 -9.07 2.35
CA ALA A 249 20.12 -9.22 1.09
C ALA A 249 19.84 -10.58 0.47
N THR A 250 19.84 -11.64 1.29
CA THR A 250 19.44 -12.95 0.80
C THR A 250 17.99 -12.93 0.30
N THR A 251 17.14 -12.13 0.94
CA THR A 251 15.74 -12.05 0.53
C THR A 251 15.63 -11.45 -0.88
N ALA A 252 16.26 -10.30 -1.10
CA ALA A 252 16.22 -9.68 -2.42
C ALA A 252 16.89 -10.57 -3.47
N TYR A 253 18.02 -11.18 -3.12
CA TYR A 253 18.70 -12.08 -4.03
C TYR A 253 17.86 -13.31 -4.35
N GLY A 254 17.14 -13.83 -3.35
CA GLY A 254 16.31 -14.99 -3.57
C GLY A 254 15.13 -14.69 -4.47
N ILE A 255 14.49 -13.54 -4.28
CA ILE A 255 13.32 -13.18 -5.09
C ILE A 255 13.74 -13.02 -6.55
N MET A 256 14.92 -12.44 -6.79
CA MET A 256 15.43 -12.34 -8.16
C MET A 256 15.72 -13.70 -8.76
N LYS A 257 15.93 -14.72 -7.93
CA LYS A 257 16.16 -16.08 -8.41
C LYS A 257 14.87 -16.85 -8.64
N GLY A 258 13.79 -16.48 -7.96
CA GLY A 258 12.50 -17.09 -8.21
C GLY A 258 11.84 -17.70 -7.00
N VAL A 259 12.34 -17.41 -5.79
CA VAL A 259 11.70 -17.94 -4.60
C VAL A 259 10.39 -17.22 -4.35
N ARG A 260 9.49 -17.89 -3.62
CA ARG A 260 8.15 -17.39 -3.39
C ARG A 260 7.88 -16.96 -1.96
N ALA A 261 8.74 -17.33 -1.00
CA ALA A 261 8.55 -16.95 0.38
C ALA A 261 9.90 -16.96 1.09
N VAL A 262 9.96 -16.24 2.21
CA VAL A 262 11.16 -16.16 3.02
C VAL A 262 10.77 -16.28 4.48
N ARG A 263 11.59 -17.01 5.24
CA ARG A 263 11.39 -17.21 6.68
C ARG A 263 12.42 -16.37 7.41
N VAL A 264 11.99 -15.23 7.95
CA VAL A 264 12.89 -14.25 8.53
C VAL A 264 12.46 -13.91 9.95
N HIS A 265 13.40 -13.36 10.72
CA HIS A 265 13.12 -12.87 12.06
C HIS A 265 12.60 -11.44 12.00
N ASN A 266 13.36 -10.54 11.38
CA ASN A 266 12.97 -9.14 11.22
C ASN A 266 11.95 -9.10 10.09
N VAL A 267 10.67 -9.04 10.45
CA VAL A 267 9.62 -9.03 9.45
C VAL A 267 9.61 -7.71 8.70
N GLU A 268 9.73 -6.59 9.43
CA GLU A 268 9.57 -5.27 8.82
C GLU A 268 10.62 -5.00 7.76
N LEU A 269 11.88 -5.33 8.05
CA LEU A 269 12.94 -5.08 7.08
C LEU A 269 12.78 -5.93 5.83
N ASN A 270 12.39 -7.20 6.00
CA ASN A 270 12.28 -8.09 4.84
C ASN A 270 10.98 -7.88 4.08
N ALA A 271 9.86 -7.66 4.80
CA ALA A 271 8.58 -7.45 4.12
C ALA A 271 8.61 -6.16 3.33
N LYS A 272 9.20 -5.10 3.90
CA LYS A 272 9.34 -3.84 3.17
C LYS A 272 10.34 -3.92 2.05
N LEU A 273 11.35 -4.76 2.20
CA LEU A 273 12.33 -4.87 1.14
C LEU A 273 11.82 -5.75 0.03
N ALA A 274 11.07 -6.79 0.40
CA ALA A 274 10.52 -7.70 -0.59
C ALA A 274 9.51 -6.98 -1.49
N LYS A 275 8.72 -6.07 -0.90
CA LYS A 275 7.77 -5.30 -1.70
C LYS A 275 8.48 -4.46 -2.75
N GLY A 276 9.67 -3.96 -2.44
CA GLY A 276 10.42 -3.21 -3.43
C GLY A 276 10.93 -4.07 -4.57
N ILE A 277 11.45 -5.26 -4.25
CA ILE A 277 11.94 -6.16 -5.29
C ILE A 277 10.77 -6.69 -6.11
N ASP A 278 9.65 -7.01 -5.46
CA ASP A 278 8.46 -7.43 -6.19
C ASP A 278 7.95 -6.31 -7.08
N PHE A 279 8.02 -5.07 -6.61
CA PHE A 279 7.62 -3.93 -7.42
C PHE A 279 8.51 -3.81 -8.65
N LEU A 280 9.83 -3.91 -8.46
CA LEU A 280 10.76 -3.76 -9.57
C LEU A 280 10.70 -4.95 -10.52
N LYS A 281 10.47 -6.16 -10.00
CA LYS A 281 10.37 -7.32 -10.87
C LYS A 281 9.09 -7.30 -11.69
N GLU A 282 7.97 -6.95 -11.05
CA GLU A 282 6.71 -6.83 -11.79
C GLU A 282 6.76 -5.67 -12.78
N ASN A 283 7.44 -4.58 -12.40
CA ASN A 283 7.57 -3.45 -13.31
C ASN A 283 8.39 -3.83 -14.54
N GLU A 284 9.42 -4.65 -14.37
CA GLU A 284 10.23 -5.05 -15.52
C GLU A 284 9.48 -6.05 -16.40
N ASN A 285 8.71 -6.95 -15.77
CA ASN A 285 7.96 -7.92 -16.54
C ASN A 285 6.79 -7.27 -17.27
N ALA A 286 6.19 -6.24 -16.67
CA ALA A 286 5.06 -5.57 -17.31
C ALA A 286 5.50 -4.73 -18.49
N ARG A 287 6.70 -4.14 -18.42
CA ARG A 287 7.22 -3.28 -19.48
C ARG A 287 8.15 -4.02 -20.44
N THR B 26 -26.42 18.80 13.25
CA THR B 26 -26.94 17.75 12.38
C THR B 26 -25.81 17.07 11.62
N LYS B 27 -24.64 17.72 11.59
CA LYS B 27 -23.50 17.17 10.89
C LYS B 27 -22.86 16.03 11.69
N THR B 28 -22.10 15.21 10.99
CA THR B 28 -21.34 14.14 11.64
C THR B 28 -20.04 14.72 12.17
N LYS B 29 -19.81 14.55 13.48
CA LYS B 29 -18.61 15.11 14.09
C LYS B 29 -17.38 14.34 13.65
N ILE B 30 -16.28 15.07 13.45
CA ILE B 30 -15.02 14.49 13.00
C ILE B 30 -14.05 14.55 14.17
N MET B 31 -13.69 13.39 14.71
CA MET B 31 -12.76 13.30 15.83
C MET B 31 -11.38 12.98 15.29
N GLY B 32 -10.43 13.90 15.50
CA GLY B 32 -9.06 13.69 15.06
C GLY B 32 -8.25 12.98 16.14
N ILE B 33 -7.38 12.10 15.69
CA ILE B 33 -6.53 11.30 16.59
C ILE B 33 -5.23 12.05 16.82
N LEU B 34 -4.91 12.30 18.09
CA LEU B 34 -3.65 12.92 18.48
C LEU B 34 -2.99 12.00 19.51
N ASN B 35 -1.94 11.30 19.07
CA ASN B 35 -1.22 10.37 19.94
C ASN B 35 -0.05 11.09 20.60
N VAL B 36 0.04 10.98 21.93
CA VAL B 36 1.13 11.60 22.68
C VAL B 36 1.77 10.57 23.59
N VAL B 50 5.45 19.26 22.69
CA VAL B 50 4.33 20.16 22.89
C VAL B 50 4.18 21.11 21.71
N GLU B 51 5.31 21.68 21.27
CA GLU B 51 5.28 22.63 20.16
C GLU B 51 4.83 21.95 18.87
N SER B 52 5.25 20.70 18.65
CA SER B 52 4.85 19.98 17.45
C SER B 52 3.41 19.46 17.53
N ALA B 53 2.90 19.24 18.75
CA ALA B 53 1.53 18.76 18.89
C ALA B 53 0.52 19.84 18.52
N VAL B 54 0.75 21.09 18.98
CA VAL B 54 -0.21 22.16 18.70
C VAL B 54 -0.28 22.47 17.21
N THR B 55 0.85 22.37 16.49
CA THR B 55 0.81 22.59 15.05
C THR B 55 -0.07 21.56 14.35
N ARG B 56 0.04 20.29 14.74
CA ARG B 56 -0.82 19.27 14.15
C ARG B 56 -2.28 19.51 14.52
N VAL B 57 -2.53 19.94 15.76
CA VAL B 57 -3.88 20.28 16.18
C VAL B 57 -4.42 21.40 15.31
N LYS B 58 -3.58 22.41 15.01
CA LYS B 58 -4.00 23.48 14.12
C LYS B 58 -4.24 22.97 12.71
N ALA B 59 -3.48 21.96 12.28
CA ALA B 59 -3.69 21.39 10.95
C ALA B 59 -4.98 20.58 10.91
N MET B 60 -5.29 19.87 11.99
CA MET B 60 -6.52 19.08 12.04
C MET B 60 -7.76 19.96 11.91
N MET B 61 -7.78 21.08 12.63
CA MET B 61 -8.93 21.99 12.57
C MET B 61 -9.11 22.56 11.17
N ASP B 62 -7.99 22.83 10.47
CA ASP B 62 -8.09 23.35 9.12
C ASP B 62 -8.59 22.29 8.14
N GLU B 63 -8.34 21.01 8.42
CA GLU B 63 -8.84 19.94 7.56
C GLU B 63 -10.28 19.57 7.86
N GLY B 64 -10.84 20.03 8.98
CA GLY B 64 -12.25 19.87 9.24
C GLY B 64 -12.57 19.09 10.50
N ALA B 65 -11.59 18.98 11.39
CA ALA B 65 -11.78 18.21 12.61
C ALA B 65 -12.68 18.97 13.60
N ASP B 66 -13.73 18.31 14.07
CA ASP B 66 -14.60 18.89 15.07
C ASP B 66 -14.16 18.55 16.49
N ILE B 67 -13.55 17.38 16.68
CA ILE B 67 -13.07 16.95 17.98
C ILE B 67 -11.63 16.45 17.82
N ILE B 68 -10.82 16.68 18.84
CA ILE B 68 -9.45 16.21 18.90
C ILE B 68 -9.32 15.28 20.10
N ASP B 69 -9.04 14.01 19.83
CA ASP B 69 -8.92 13.00 20.89
C ASP B 69 -7.46 12.88 21.29
N VAL B 70 -7.13 13.32 22.50
CA VAL B 70 -5.77 13.23 23.02
C VAL B 70 -5.63 11.92 23.78
N GLY B 71 -4.68 11.10 23.37
CA GLY B 71 -4.46 9.81 23.99
C GLY B 71 -3.00 9.57 24.29
N GLY B 72 -2.76 8.85 25.38
CA GLY B 72 -1.42 8.51 25.79
C GLY B 72 -1.34 7.13 26.41
N VAL B 73 -2.48 6.46 26.54
CA VAL B 73 -2.55 5.15 27.17
C VAL B 73 -3.12 4.15 26.18
N SER B 74 -2.95 2.87 26.51
CA SER B 74 -3.45 1.77 25.70
C SER B 74 -4.15 0.77 26.61
N THR B 75 -5.23 0.17 26.09
CA THR B 75 -5.97 -0.85 26.83
C THR B 75 -5.74 -2.26 26.31
N ARG B 76 -5.04 -2.41 25.19
CA ARG B 76 -4.76 -3.73 24.67
C ARG B 76 -3.77 -4.46 25.58
N PRO B 77 -3.81 -5.78 25.60
CA PRO B 77 -2.81 -6.55 26.37
C PRO B 77 -1.43 -6.39 25.77
N GLY B 78 -0.43 -6.65 26.59
CA GLY B 78 0.96 -6.55 26.19
C GLY B 78 1.66 -5.25 26.55
N HIS B 79 1.01 -4.39 27.34
CA HIS B 79 1.59 -3.11 27.74
C HIS B 79 1.63 -3.01 29.26
N GLU B 80 2.71 -2.45 29.77
CA GLU B 80 2.85 -2.23 31.21
C GLU B 80 2.11 -0.94 31.56
N MET B 81 1.01 -1.07 32.30
CA MET B 81 0.23 0.08 32.73
C MET B 81 1.09 1.08 33.47
N ILE B 82 0.97 2.35 33.11
CA ILE B 82 1.76 3.40 33.71
C ILE B 82 0.96 4.06 34.82
N THR B 83 1.66 4.74 35.72
CA THR B 83 1.01 5.38 36.85
C THR B 83 0.18 6.58 36.39
N VAL B 84 -0.68 7.05 37.29
CA VAL B 84 -1.53 8.21 36.98
C VAL B 84 -0.68 9.44 36.75
N GLU B 85 0.35 9.66 37.58
CA GLU B 85 1.19 10.84 37.42
C GLU B 85 1.92 10.83 36.07
N GLU B 86 2.39 9.64 35.64
CA GLU B 86 3.06 9.56 34.36
C GLU B 86 2.11 9.85 33.21
N GLU B 87 0.85 9.41 33.33
CA GLU B 87 -0.13 9.75 32.30
C GLU B 87 -0.42 11.24 32.29
N LEU B 88 -0.52 11.84 33.48
CA LEU B 88 -0.82 13.26 33.57
C LEU B 88 0.32 14.12 33.01
N ASN B 89 1.56 13.72 33.25
CA ASN B 89 2.70 14.48 32.72
C ASN B 89 2.75 14.49 31.20
N ARG B 90 2.08 13.52 30.55
CA ARG B 90 2.01 13.48 29.10
C ARG B 90 0.82 14.27 28.56
N VAL B 91 -0.37 14.05 29.14
CA VAL B 91 -1.59 14.63 28.57
C VAL B 91 -1.74 16.10 28.96
N LEU B 92 -1.42 16.46 30.21
CA LEU B 92 -1.73 17.79 30.74
C LEU B 92 -0.99 18.92 30.04
N PRO B 93 0.29 18.76 29.66
CA PRO B 93 0.93 19.82 28.85
C PRO B 93 0.24 20.07 27.53
N VAL B 94 -0.30 19.02 26.91
CA VAL B 94 -0.97 19.18 25.62
C VAL B 94 -2.39 19.73 25.81
N VAL B 95 -3.08 19.29 26.86
CA VAL B 95 -4.45 19.73 27.10
C VAL B 95 -4.48 21.22 27.39
N GLU B 96 -3.60 21.68 28.28
CA GLU B 96 -3.58 23.09 28.65
C GLU B 96 -3.33 24.00 27.47
N ALA B 97 -2.51 23.55 26.50
CA ALA B 97 -2.19 24.39 25.36
C ALA B 97 -3.34 24.49 24.37
N ILE B 98 -4.10 23.40 24.21
CA ILE B 98 -5.12 23.32 23.16
C ILE B 98 -6.52 23.55 23.68
N VAL B 99 -6.71 23.64 25.00
CA VAL B 99 -8.06 23.82 25.54
C VAL B 99 -8.64 25.18 25.20
N GLY B 100 -7.80 26.16 24.88
CA GLY B 100 -8.25 27.50 24.53
C GLY B 100 -8.59 27.71 23.08
N PHE B 101 -8.66 26.64 22.29
CA PHE B 101 -8.95 26.76 20.86
C PHE B 101 -10.43 26.59 20.59
N ASP B 102 -10.83 26.88 19.35
CA ASP B 102 -12.23 26.74 18.91
C ASP B 102 -12.42 25.31 18.41
N VAL B 103 -12.29 24.38 19.35
CA VAL B 103 -12.42 22.95 19.04
C VAL B 103 -12.79 22.22 20.31
N LYS B 104 -13.63 21.19 20.16
CA LYS B 104 -13.94 20.29 21.26
C LYS B 104 -12.74 19.37 21.52
N ILE B 105 -12.49 19.11 22.80
CA ILE B 105 -11.33 18.33 23.23
C ILE B 105 -11.80 17.04 23.87
N SER B 106 -11.27 15.91 23.39
CA SER B 106 -11.54 14.60 23.96
C SER B 106 -10.26 14.06 24.55
N VAL B 107 -10.37 13.43 25.72
CA VAL B 107 -9.23 12.83 26.41
C VAL B 107 -9.45 11.33 26.47
N ASP B 108 -8.48 10.57 25.97
CA ASP B 108 -8.54 9.10 25.96
C ASP B 108 -7.92 8.59 27.25
N THR B 109 -8.77 8.35 28.25
CA THR B 109 -8.31 7.83 29.53
C THR B 109 -9.44 7.02 30.15
N PHE B 110 -9.06 6.11 31.06
CA PHE B 110 -10.02 5.24 31.73
C PHE B 110 -9.93 5.34 33.25
N ARG B 111 -9.13 6.26 33.78
CA ARG B 111 -9.00 6.46 35.21
C ARG B 111 -9.56 7.83 35.57
N SER B 112 -10.42 7.88 36.59
CA SER B 112 -11.13 9.10 36.92
C SER B 112 -10.18 10.20 37.38
N GLU B 113 -9.07 9.82 38.02
CA GLU B 113 -8.13 10.83 38.50
C GLU B 113 -7.52 11.62 37.33
N VAL B 114 -7.28 10.95 36.21
CA VAL B 114 -6.71 11.63 35.06
C VAL B 114 -7.76 12.51 34.39
N ALA B 115 -9.00 12.02 34.30
CA ALA B 115 -10.06 12.78 33.65
C ALA B 115 -10.45 14.02 34.46
N GLU B 116 -10.48 13.90 35.78
CA GLU B 116 -10.83 15.06 36.61
C GLU B 116 -9.80 16.17 36.45
N ALA B 117 -8.52 15.82 36.38
CA ALA B 117 -7.49 16.84 36.18
C ALA B 117 -7.68 17.57 34.87
N CYS B 118 -8.05 16.84 33.82
CA CYS B 118 -8.30 17.47 32.53
C CYS B 118 -9.63 18.21 32.51
N LEU B 119 -10.64 17.69 33.22
CA LEU B 119 -11.93 18.37 33.26
C LEU B 119 -11.85 19.73 33.94
N LYS B 120 -10.93 19.87 34.91
CA LYS B 120 -10.73 21.18 35.54
C LYS B 120 -10.12 22.17 34.58
N LEU B 121 -9.36 21.69 33.59
CA LEU B 121 -8.78 22.57 32.59
C LEU B 121 -9.78 23.01 31.53
N GLY B 122 -10.87 22.27 31.33
CA GLY B 122 -11.92 22.70 30.43
C GLY B 122 -12.18 21.76 29.26
N VAL B 123 -11.85 20.48 29.45
CA VAL B 123 -12.09 19.50 28.40
C VAL B 123 -13.59 19.21 28.29
N ASP B 124 -14.01 18.82 27.09
CA ASP B 124 -15.42 18.60 26.80
C ASP B 124 -15.82 17.14 26.80
N ILE B 125 -14.95 16.25 26.32
CA ILE B 125 -15.27 14.84 26.15
C ILE B 125 -14.20 14.00 26.83
N ILE B 126 -14.62 12.93 27.50
CA ILE B 126 -13.72 11.95 28.10
C ILE B 126 -13.89 10.63 27.36
N ASN B 127 -12.84 10.21 26.65
CA ASN B 127 -12.86 8.97 25.88
C ASN B 127 -12.42 7.83 26.79
N ASP B 128 -13.39 7.08 27.31
CA ASP B 128 -13.15 5.98 28.23
C ASP B 128 -13.10 4.67 27.43
N GLN B 129 -11.95 4.02 27.43
CA GLN B 129 -11.78 2.77 26.69
C GLN B 129 -12.40 1.58 27.41
N TRP B 130 -12.64 1.69 28.72
CA TRP B 130 -13.25 0.60 29.49
C TRP B 130 -14.70 0.88 29.84
N ALA B 131 -15.25 2.02 29.42
CA ALA B 131 -16.66 2.36 29.64
C ALA B 131 -17.00 2.37 31.12
N GLY B 132 -16.07 2.83 31.95
CA GLY B 132 -16.28 2.92 33.38
C GLY B 132 -16.09 1.63 34.14
N LEU B 133 -15.72 0.54 33.46
CA LEU B 133 -15.53 -0.73 34.16
C LEU B 133 -14.26 -0.74 34.99
N TYR B 134 -13.20 -0.08 34.51
CA TYR B 134 -11.96 -0.03 35.29
C TYR B 134 -12.10 0.88 36.49
N ASP B 135 -12.65 2.09 36.29
CA ASP B 135 -12.83 3.06 37.36
C ASP B 135 -14.30 3.49 37.33
N HIS B 136 -15.06 3.04 38.33
CA HIS B 136 -16.49 3.35 38.36
C HIS B 136 -16.75 4.80 38.76
N ARG B 137 -15.76 5.48 39.34
CA ARG B 137 -15.92 6.89 39.69
C ARG B 137 -15.90 7.81 38.48
N MET B 138 -15.67 7.27 37.28
CA MET B 138 -15.61 8.12 36.09
C MET B 138 -16.96 8.75 35.79
N PHE B 139 -18.06 8.05 36.07
CA PHE B 139 -19.38 8.59 35.77
C PHE B 139 -19.71 9.80 36.64
N GLN B 140 -19.39 9.73 37.94
CA GLN B 140 -19.64 10.87 38.81
C GLN B 140 -18.78 12.06 38.43
N VAL B 141 -17.57 11.82 37.92
CA VAL B 141 -16.67 12.92 37.57
C VAL B 141 -17.14 13.60 36.30
N VAL B 142 -17.54 12.82 35.29
CA VAL B 142 -18.02 13.41 34.04
C VAL B 142 -19.32 14.17 34.26
N ALA B 143 -20.25 13.59 35.02
CA ALA B 143 -21.49 14.28 35.31
C ALA B 143 -21.27 15.52 36.16
N LYS B 144 -20.22 15.50 36.99
CA LYS B 144 -19.92 16.65 37.85
C LYS B 144 -19.57 17.89 37.02
N TYR B 145 -18.81 17.70 35.94
CA TYR B 145 -18.32 18.80 35.11
C TYR B 145 -19.16 19.05 33.87
N ASP B 146 -20.36 18.46 33.79
CA ASP B 146 -21.27 18.65 32.67
C ASP B 146 -20.57 18.34 31.33
N ALA B 147 -19.87 17.22 31.29
CA ALA B 147 -19.11 16.81 30.12
C ALA B 147 -19.73 15.58 29.47
N GLU B 148 -19.16 15.20 28.33
CA GLU B 148 -19.57 14.03 27.57
C GLU B 148 -18.59 12.89 27.81
N ILE B 149 -19.11 11.66 27.76
CA ILE B 149 -18.30 10.47 27.97
C ILE B 149 -18.57 9.49 26.81
N VAL B 150 -17.50 8.84 26.36
CA VAL B 150 -17.58 7.80 25.33
C VAL B 150 -17.37 6.46 26.01
N LEU B 151 -18.30 5.53 25.79
CA LEU B 151 -18.23 4.19 26.36
C LEU B 151 -17.89 3.21 25.25
N MET B 152 -16.67 2.71 25.27
CA MET B 152 -16.16 1.79 24.25
C MET B 152 -16.26 0.35 24.75
N HIS B 153 -16.68 -0.53 23.85
CA HIS B 153 -16.75 -1.95 24.19
C HIS B 153 -15.34 -2.53 24.26
N ASN B 154 -15.03 -3.20 25.37
CA ASN B 154 -13.70 -3.75 25.58
C ASN B 154 -13.82 -5.04 26.39
N GLY B 155 -12.69 -5.71 26.54
CA GLY B 155 -12.65 -6.95 27.30
C GLY B 155 -11.38 -7.72 26.97
N ASN B 156 -11.34 -8.95 27.47
CA ASN B 156 -10.20 -9.84 27.23
C ASN B 156 -10.39 -10.72 26.00
N GLY B 157 -11.59 -10.76 25.43
CA GLY B 157 -11.88 -11.59 24.27
C GLY B 157 -12.76 -12.79 24.55
N ASN B 158 -13.06 -13.09 25.81
CA ASN B 158 -13.89 -14.23 26.17
C ASN B 158 -15.31 -13.75 26.46
N ARG B 159 -16.29 -14.54 26.03
CA ARG B 159 -17.69 -14.22 26.26
C ARG B 159 -18.52 -15.48 26.11
N ASP B 160 -19.63 -15.53 26.85
CA ASP B 160 -20.55 -16.66 26.81
C ASP B 160 -21.72 -16.43 25.87
N GLU B 161 -21.81 -15.25 25.27
CA GLU B 161 -22.89 -14.87 24.37
C GLU B 161 -22.30 -14.34 23.08
N PRO B 162 -23.09 -14.25 22.02
CA PRO B 162 -22.59 -13.64 20.78
C PRO B 162 -22.07 -12.23 21.01
N VAL B 163 -21.13 -11.82 20.15
CA VAL B 163 -20.41 -10.57 20.37
C VAL B 163 -21.36 -9.38 20.32
N VAL B 164 -22.37 -9.43 19.44
CA VAL B 164 -23.29 -8.30 19.31
C VAL B 164 -24.18 -8.19 20.55
N GLU B 165 -24.74 -9.31 20.99
CA GLU B 165 -25.58 -9.29 22.18
C GLU B 165 -24.77 -8.96 23.42
N GLU B 166 -23.54 -9.46 23.51
CA GLU B 166 -22.69 -9.15 24.65
C GLU B 166 -22.28 -7.68 24.65
N MET B 167 -22.02 -7.11 23.47
CA MET B 167 -21.64 -5.71 23.39
C MET B 167 -22.79 -4.81 23.79
N LEU B 168 -24.00 -5.10 23.29
CA LEU B 168 -25.16 -4.30 23.64
C LEU B 168 -25.50 -4.44 25.12
N THR B 169 -25.37 -5.65 25.66
CA THR B 169 -25.67 -5.86 27.09
C THR B 169 -24.72 -5.08 27.98
N SER B 170 -23.43 -5.07 27.63
CA SER B 170 -22.44 -4.39 28.47
C SER B 170 -22.55 -2.87 28.32
N LEU B 171 -22.70 -2.38 27.10
CA LEU B 171 -22.71 -0.94 26.88
C LEU B 171 -23.98 -0.30 27.44
N LEU B 172 -25.13 -0.94 27.23
CA LEU B 172 -26.38 -0.38 27.75
C LEU B 172 -26.39 -0.36 29.27
N ALA B 173 -25.78 -1.35 29.90
CA ALA B 173 -25.68 -1.35 31.36
C ALA B 173 -24.79 -0.20 31.84
N GLN B 174 -23.66 0.01 31.17
CA GLN B 174 -22.79 1.13 31.52
C GLN B 174 -23.42 2.46 31.15
N ALA B 175 -24.20 2.51 30.07
CA ALA B 175 -24.88 3.74 29.69
C ALA B 175 -25.90 4.16 30.74
N HIS B 176 -26.57 3.19 31.38
CA HIS B 176 -27.51 3.53 32.44
C HIS B 176 -26.79 4.03 33.68
N GLN B 177 -25.62 3.48 33.97
CA GLN B 177 -24.86 3.93 35.14
C GLN B 177 -24.46 5.39 35.00
N ALA B 178 -24.14 5.83 33.78
CA ALA B 178 -23.83 7.22 33.56
C ALA B 178 -25.06 8.11 33.67
N LYS B 179 -26.23 7.57 33.29
CA LYS B 179 -27.46 8.35 33.36
C LYS B 179 -27.89 8.57 34.81
N ILE B 180 -27.66 7.59 35.67
CA ILE B 180 -27.95 7.75 37.10
C ILE B 180 -27.09 8.86 37.70
N ALA B 181 -25.83 8.95 37.26
CA ALA B 181 -24.93 9.96 37.77
C ALA B 181 -25.36 11.37 37.36
N GLY B 182 -26.20 11.50 36.34
CA GLY B 182 -26.69 12.79 35.90
C GLY B 182 -26.35 13.15 34.47
N ILE B 183 -25.72 12.27 33.70
CA ILE B 183 -25.36 12.60 32.31
C ILE B 183 -26.58 12.35 31.43
N PRO B 184 -27.02 13.34 30.65
CA PRO B 184 -28.16 13.13 29.75
C PRO B 184 -27.77 12.26 28.56
N SER B 185 -28.80 11.81 27.84
CA SER B 185 -28.58 10.84 26.77
C SER B 185 -27.77 11.42 25.61
N ASN B 186 -27.96 12.71 25.31
CA ASN B 186 -27.19 13.34 24.23
C ASN B 186 -25.68 13.23 24.46
N LYS B 187 -25.25 13.25 25.72
CA LYS B 187 -23.83 13.31 26.05
C LYS B 187 -23.22 11.94 26.34
N ILE B 188 -23.94 10.85 26.10
CA ILE B 188 -23.45 9.50 26.34
C ILE B 188 -23.18 8.86 24.98
N TRP B 189 -21.92 8.63 24.67
CA TRP B 189 -21.51 8.05 23.40
C TRP B 189 -21.16 6.58 23.55
N LEU B 190 -21.45 5.81 22.51
CA LEU B 190 -21.19 4.38 22.48
C LEU B 190 -20.24 4.04 21.33
N ASP B 191 -19.17 3.31 21.66
CA ASP B 191 -18.19 2.88 20.68
C ASP B 191 -18.15 1.36 20.63
N PRO B 192 -18.31 0.75 19.46
CA PRO B 192 -18.28 -0.73 19.38
C PRO B 192 -16.93 -1.32 19.76
N GLY B 193 -15.86 -0.52 19.75
CA GLY B 193 -14.55 -1.02 20.14
C GLY B 193 -13.94 -1.97 19.14
N ILE B 194 -13.80 -1.53 17.89
CA ILE B 194 -13.18 -2.35 16.87
C ILE B 194 -11.70 -2.51 17.20
N GLY B 195 -11.24 -3.76 17.21
CA GLY B 195 -9.88 -4.06 17.59
C GLY B 195 -9.69 -4.38 19.05
N PHE B 196 -10.78 -4.59 19.80
CA PHE B 196 -10.72 -4.86 21.23
C PHE B 196 -11.61 -6.05 21.55
N ALA B 197 -11.00 -7.13 22.04
CA ALA B 197 -11.72 -8.32 22.51
C ALA B 197 -12.58 -8.94 21.41
N LYS B 198 -12.14 -8.82 20.16
CA LYS B 198 -12.91 -9.34 19.02
C LYS B 198 -11.96 -9.97 18.02
N THR B 199 -12.44 -11.03 17.38
CA THR B 199 -11.75 -11.63 16.24
C THR B 199 -12.15 -10.92 14.96
N ARG B 200 -11.46 -11.27 13.86
CA ARG B 200 -11.80 -10.67 12.57
C ARG B 200 -13.20 -11.05 12.14
N ASN B 201 -13.66 -12.24 12.52
CA ASN B 201 -15.03 -12.65 12.21
C ASN B 201 -16.03 -11.94 13.13
N GLU B 202 -15.65 -11.73 14.39
CA GLU B 202 -16.53 -11.02 15.31
C GLU B 202 -16.62 -9.55 14.97
N GLU B 203 -15.52 -8.96 14.49
CA GLU B 203 -15.56 -7.58 14.02
C GLU B 203 -16.47 -7.45 12.80
N ALA B 204 -16.45 -8.44 11.91
CA ALA B 204 -17.35 -8.42 10.76
C ALA B 204 -18.79 -8.59 11.19
N GLU B 205 -19.04 -9.30 12.29
CA GLU B 205 -20.40 -9.44 12.80
C GLU B 205 -20.91 -8.11 13.35
N VAL B 206 -20.04 -7.34 14.00
CA VAL B 206 -20.44 -6.03 14.52
C VAL B 206 -20.65 -5.05 13.38
N MET B 207 -19.71 -5.00 12.43
CA MET B 207 -19.80 -4.04 11.34
C MET B 207 -21.01 -4.30 10.44
N ALA B 208 -21.45 -5.56 10.37
CA ALA B 208 -22.62 -5.89 9.57
C ALA B 208 -23.93 -5.56 10.27
N ARG B 209 -23.89 -5.34 11.58
CA ARG B 209 -25.08 -5.06 12.38
C ARG B 209 -24.94 -3.76 13.14
N LEU B 210 -24.44 -2.72 12.44
CA LEU B 210 -24.29 -1.43 13.09
C LEU B 210 -25.63 -0.78 13.38
N ASP B 211 -26.67 -1.11 12.60
CA ASP B 211 -27.98 -0.53 12.84
C ASP B 211 -28.54 -0.93 14.20
N GLU B 212 -28.18 -2.12 14.68
CA GLU B 212 -28.61 -2.55 16.01
C GLU B 212 -27.94 -1.69 17.08
N LEU B 213 -26.71 -1.25 16.84
CA LEU B 213 -26.05 -0.35 17.78
C LEU B 213 -26.58 1.06 17.66
N VAL B 214 -27.04 1.47 16.47
CA VAL B 214 -27.61 2.79 16.31
C VAL B 214 -29.00 2.84 16.95
N ALA B 215 -29.71 1.71 17.00
CA ALA B 215 -31.03 1.65 17.60
C ALA B 215 -31.00 1.95 19.10
N THR B 216 -29.82 1.98 19.72
CA THR B 216 -29.69 2.35 21.13
C THR B 216 -30.26 3.74 21.43
N GLU B 217 -30.39 4.60 20.41
CA GLU B 217 -30.82 6.00 20.49
C GLU B 217 -29.79 6.88 21.19
N TYR B 218 -28.62 6.34 21.56
CA TYR B 218 -27.43 7.06 22.00
C TYR B 218 -26.56 7.38 20.80
N PRO B 219 -25.83 8.50 20.83
CA PRO B 219 -24.90 8.80 19.72
C PRO B 219 -23.77 7.78 19.66
N VAL B 220 -23.54 7.25 18.47
CA VAL B 220 -22.57 6.19 18.25
C VAL B 220 -21.32 6.78 17.61
N LEU B 221 -20.16 6.43 18.16
CA LEU B 221 -18.86 6.83 17.61
C LEU B 221 -18.21 5.61 16.98
N LEU B 222 -17.78 5.75 15.73
CA LEU B 222 -17.13 4.66 14.99
C LEU B 222 -15.64 4.95 14.88
N ALA B 223 -14.82 3.99 15.30
CA ALA B 223 -13.36 4.13 15.30
C ALA B 223 -12.76 2.86 14.68
N THR B 224 -12.52 2.90 13.37
CA THR B 224 -11.90 1.79 12.66
C THR B 224 -10.71 2.26 11.83
N SER B 225 -10.11 3.40 12.18
CA SER B 225 -9.09 4.02 11.34
C SER B 225 -7.82 3.18 11.32
N ARG B 226 -7.44 2.72 10.12
CA ARG B 226 -6.17 2.03 9.89
C ARG B 226 -6.02 0.78 10.76
N LYS B 227 -7.13 0.15 11.14
CA LYS B 227 -7.08 -1.04 11.96
C LYS B 227 -6.98 -2.28 11.06
N ARG B 228 -6.75 -3.43 11.71
CA ARG B 228 -6.60 -4.67 10.96
C ARG B 228 -7.87 -5.07 10.23
N PHE B 229 -9.03 -4.62 10.71
CA PHE B 229 -10.29 -4.92 10.02
C PHE B 229 -10.32 -4.28 8.64
N THR B 230 -9.76 -3.07 8.51
CA THR B 230 -9.71 -2.42 7.21
C THR B 230 -8.84 -3.19 6.23
N LYS B 231 -7.82 -3.90 6.73
CA LYS B 231 -7.03 -4.77 5.86
C LYS B 231 -7.86 -5.94 5.36
N LYS B 232 -8.78 -6.44 6.17
CA LYS B 232 -9.65 -7.52 5.74
C LYS B 232 -10.65 -7.07 4.67
N MET B 233 -11.04 -5.79 4.70
CA MET B 233 -11.96 -5.29 3.68
C MET B 233 -11.30 -5.31 2.30
N MET B 234 -10.05 -4.86 2.22
CA MET B 234 -9.33 -4.90 0.95
C MET B 234 -8.88 -6.32 0.60
N GLY B 235 -8.62 -7.14 1.60
CA GLY B 235 -8.16 -8.49 1.32
C GLY B 235 -6.75 -8.59 0.80
N TYR B 236 -6.03 -7.48 0.67
CA TYR B 236 -4.71 -7.47 0.09
C TYR B 236 -3.75 -6.70 0.98
N ASP B 237 -2.46 -6.83 0.68
CA ASP B 237 -1.44 -6.28 1.56
C ASP B 237 -1.33 -4.76 1.46
N THR B 238 -1.49 -4.10 2.61
CA THR B 238 -1.40 -2.65 2.76
C THR B 238 -0.78 -2.32 4.11
N THR B 239 -0.24 -1.08 4.21
CA THR B 239 0.25 -0.42 5.41
C THR B 239 -0.90 0.28 6.12
N PRO B 240 -0.76 0.58 7.41
CA PRO B 240 -1.87 1.26 8.11
C PRO B 240 -2.24 2.60 7.46
N VAL B 241 -1.24 3.40 7.08
CA VAL B 241 -1.51 4.71 6.50
C VAL B 241 -2.12 4.56 5.11
N GLU B 242 -1.83 3.46 4.43
CA GLU B 242 -2.42 3.17 3.13
C GLU B 242 -3.83 2.62 3.23
N ARG B 243 -4.39 2.58 4.45
CA ARG B 243 -5.76 2.14 4.70
C ARG B 243 -6.72 3.30 4.94
N ASP B 244 -6.31 4.53 4.58
CA ASP B 244 -7.19 5.67 4.79
C ASP B 244 -8.37 5.66 3.84
N GLU B 245 -8.19 5.13 2.63
CA GLU B 245 -9.29 5.08 1.68
C GLU B 245 -10.38 4.12 2.15
N VAL B 246 -9.99 2.91 2.55
CA VAL B 246 -10.97 1.97 3.08
C VAL B 246 -11.50 2.42 4.44
N THR B 247 -10.74 3.25 5.15
CA THR B 247 -11.26 3.86 6.38
C THR B 247 -12.40 4.82 6.06
N ALA B 248 -12.23 5.64 5.02
CA ALA B 248 -13.32 6.50 4.58
C ALA B 248 -14.53 5.71 4.14
N ALA B 249 -14.31 4.51 3.59
CA ALA B 249 -15.43 3.65 3.23
C ALA B 249 -16.24 3.25 4.46
N THR B 250 -15.54 2.91 5.55
CA THR B 250 -16.23 2.67 6.82
C THR B 250 -16.96 3.91 7.30
N THR B 251 -16.41 5.10 7.03
CA THR B 251 -17.05 6.34 7.44
C THR B 251 -18.36 6.54 6.69
N ALA B 252 -18.33 6.43 5.36
CA ALA B 252 -19.55 6.60 4.57
C ALA B 252 -20.57 5.52 4.90
N TYR B 253 -20.11 4.27 5.07
CA TYR B 253 -21.03 3.19 5.42
C TYR B 253 -21.63 3.41 6.80
N GLY B 254 -20.84 3.91 7.74
CA GLY B 254 -21.36 4.14 9.08
C GLY B 254 -22.37 5.26 9.15
N ILE B 255 -22.12 6.36 8.42
CA ILE B 255 -23.04 7.49 8.44
C ILE B 255 -24.39 7.08 7.87
N MET B 256 -24.38 6.26 6.82
CA MET B 256 -25.63 5.75 6.26
C MET B 256 -26.36 4.84 7.23
N LYS B 257 -25.66 4.28 8.21
CA LYS B 257 -26.29 3.45 9.23
C LYS B 257 -26.79 4.25 10.42
N GLY B 258 -26.24 5.44 10.66
CA GLY B 258 -26.76 6.30 11.71
C GLY B 258 -25.76 6.74 12.76
N VAL B 259 -24.46 6.54 12.50
CA VAL B 259 -23.46 6.99 13.46
C VAL B 259 -23.35 8.51 13.44
N ARG B 260 -22.88 9.07 14.55
CA ARG B 260 -22.82 10.52 14.72
C ARG B 260 -21.40 11.07 14.74
N ALA B 261 -20.38 10.23 14.90
CA ALA B 261 -19.01 10.71 14.93
C ALA B 261 -18.07 9.58 14.51
N VAL B 262 -16.88 9.97 14.08
CA VAL B 262 -15.86 9.03 13.64
C VAL B 262 -14.51 9.45 14.20
N ARG B 263 -13.72 8.48 14.63
CA ARG B 263 -12.38 8.70 15.17
C ARG B 263 -11.38 8.24 14.11
N VAL B 264 -10.76 9.20 13.41
CA VAL B 264 -9.94 8.90 12.25
C VAL B 264 -8.56 9.53 12.39
N HIS B 265 -7.62 9.00 11.62
CA HIS B 265 -6.27 9.57 11.50
C HIS B 265 -6.24 10.64 10.40
N ASN B 266 -6.61 10.27 9.18
CA ASN B 266 -6.67 11.20 8.06
C ASN B 266 -7.93 12.03 8.19
N VAL B 267 -7.80 13.25 8.71
CA VAL B 267 -8.96 14.10 8.93
C VAL B 267 -9.53 14.60 7.61
N GLU B 268 -8.66 15.04 6.69
CA GLU B 268 -9.12 15.71 5.48
C GLU B 268 -9.93 14.76 4.59
N LEU B 269 -9.45 13.51 4.46
CA LEU B 269 -10.15 12.55 3.59
C LEU B 269 -11.52 12.19 4.15
N ASN B 270 -11.62 12.00 5.47
CA ASN B 270 -12.89 11.59 6.06
C ASN B 270 -13.84 12.77 6.23
N ALA B 271 -13.33 13.94 6.59
CA ALA B 271 -14.19 15.11 6.78
C ALA B 271 -14.82 15.54 5.47
N LYS B 272 -14.04 15.54 4.38
CA LYS B 272 -14.60 15.92 3.09
C LYS B 272 -15.54 14.86 2.54
N LEU B 273 -15.34 13.60 2.93
CA LEU B 273 -16.26 12.55 2.52
C LEU B 273 -17.50 12.54 3.40
N ALA B 274 -17.34 12.81 4.69
CA ALA B 274 -18.49 12.87 5.58
C ALA B 274 -19.41 14.02 5.20
N LYS B 275 -18.83 15.15 4.79
CA LYS B 275 -19.64 16.27 4.32
C LYS B 275 -20.46 15.88 3.09
N GLY B 276 -19.90 15.01 2.24
CA GLY B 276 -20.64 14.55 1.09
C GLY B 276 -21.76 13.59 1.47
N ILE B 277 -21.49 12.66 2.38
CA ILE B 277 -22.52 11.72 2.81
C ILE B 277 -23.59 12.43 3.62
N ASP B 278 -23.19 13.37 4.47
CA ASP B 278 -24.18 14.15 5.21
C ASP B 278 -25.05 14.96 4.26
N PHE B 279 -24.45 15.47 3.18
CA PHE B 279 -25.21 16.20 2.18
C PHE B 279 -26.21 15.29 1.48
N LEU B 280 -25.76 14.10 1.08
CA LEU B 280 -26.63 13.19 0.34
C LEU B 280 -27.73 12.62 1.22
N LYS B 281 -27.44 12.36 2.49
CA LYS B 281 -28.46 11.83 3.38
C LYS B 281 -29.49 12.89 3.74
N GLU B 282 -29.03 14.12 4.01
CA GLU B 282 -29.96 15.20 4.30
C GLU B 282 -30.80 15.53 3.08
N ASN B 283 -30.20 15.45 1.89
CA ASN B 283 -30.96 15.66 0.66
C ASN B 283 -31.99 14.56 0.45
N GLU B 284 -31.66 13.33 0.84
CA GLU B 284 -32.60 12.22 0.67
C GLU B 284 -33.74 12.31 1.69
N ASN B 285 -33.44 12.75 2.91
CA ASN B 285 -34.48 12.88 3.92
C ASN B 285 -35.41 14.05 3.63
N ALA B 286 -34.89 15.14 3.06
CA ALA B 286 -35.73 16.30 2.80
C ALA B 286 -36.69 16.05 1.65
N ARG B 287 -36.27 15.28 0.65
CA ARG B 287 -37.12 15.00 -0.51
C ARG B 287 -37.84 13.68 -0.36
N THR C 26 -19.64 -10.32 -7.14
CA THR C 26 -20.34 -9.27 -7.86
C THR C 26 -19.82 -7.90 -7.46
N LYS C 27 -18.61 -7.56 -7.91
CA LYS C 27 -18.00 -6.30 -7.57
C LYS C 27 -18.62 -5.16 -8.39
N THR C 28 -18.44 -3.94 -7.90
CA THR C 28 -18.87 -2.75 -8.63
C THR C 28 -17.80 -2.37 -9.64
N LYS C 29 -18.18 -2.29 -10.91
CA LYS C 29 -17.22 -1.98 -11.96
C LYS C 29 -16.79 -0.52 -11.87
N ILE C 30 -15.51 -0.27 -12.14
CA ILE C 30 -14.93 1.07 -12.09
C ILE C 30 -14.66 1.49 -13.53
N MET C 31 -15.39 2.48 -14.01
CA MET C 31 -15.23 2.99 -15.36
C MET C 31 -14.37 4.25 -15.30
N GLY C 32 -13.20 4.18 -15.92
CA GLY C 32 -12.29 5.32 -15.95
C GLY C 32 -12.59 6.22 -17.14
N ILE C 33 -12.45 7.52 -16.91
CA ILE C 33 -12.71 8.52 -17.94
C ILE C 33 -11.41 8.76 -18.70
N LEU C 34 -11.45 8.58 -20.02
CA LEU C 34 -10.31 8.88 -20.88
C LEU C 34 -10.80 9.84 -21.96
N ASN C 35 -10.43 11.11 -21.81
CA ASN C 35 -10.80 12.13 -22.77
C ASN C 35 -9.69 12.32 -23.79
N VAL C 36 -10.04 12.27 -25.06
CA VAL C 36 -9.07 12.50 -26.13
C VAL C 36 -9.09 13.93 -26.63
N THR C 37 -10.06 14.74 -26.19
CA THR C 37 -10.23 16.15 -26.42
C THR C 37 -9.99 16.92 -25.12
N PRO C 38 -9.26 18.04 -25.17
CA PRO C 38 -9.05 18.83 -23.95
C PRO C 38 -10.38 19.28 -23.34
N ASP C 39 -10.53 19.04 -22.03
CA ASP C 39 -11.75 19.36 -21.31
C ASP C 39 -11.41 20.09 -20.03
N SER C 40 -12.45 20.65 -19.40
CA SER C 40 -12.30 21.43 -18.17
C SER C 40 -12.15 20.57 -16.93
N LEU C 41 -12.57 19.29 -16.98
CA LEU C 41 -12.63 18.46 -15.80
C LEU C 41 -11.39 17.61 -15.58
N SER C 42 -10.57 17.40 -16.60
CA SER C 42 -9.37 16.59 -16.45
C SER C 42 -8.11 17.44 -16.61
N ASN C 49 -2.51 12.86 -28.21
CA ASN C 49 -1.31 12.06 -28.28
C ASN C 49 -1.58 10.62 -27.84
N VAL C 50 -1.33 9.67 -28.74
CA VAL C 50 -1.61 8.27 -28.45
C VAL C 50 -0.61 7.72 -27.44
N GLU C 51 0.65 8.13 -27.55
CA GLU C 51 1.67 7.64 -26.62
C GLU C 51 1.31 8.00 -25.18
N SER C 52 0.75 9.20 -24.97
CA SER C 52 0.33 9.59 -23.64
C SER C 52 -0.99 8.94 -23.24
N ALA C 53 -1.82 8.58 -24.22
CA ALA C 53 -3.08 7.92 -23.92
C ALA C 53 -2.85 6.48 -23.44
N VAL C 54 -1.98 5.75 -24.11
CA VAL C 54 -1.68 4.37 -23.70
C VAL C 54 -1.04 4.37 -22.32
N THR C 55 -0.22 5.38 -22.03
CA THR C 55 0.37 5.49 -20.71
C THR C 55 -0.70 5.70 -19.65
N ARG C 56 -1.69 6.54 -19.94
CA ARG C 56 -2.79 6.76 -19.00
C ARG C 56 -3.63 5.52 -18.80
N VAL C 57 -3.91 4.79 -19.88
CA VAL C 57 -4.73 3.59 -19.79
C VAL C 57 -4.08 2.54 -18.91
N LYS C 58 -2.77 2.36 -19.04
CA LYS C 58 -2.06 1.40 -18.21
C LYS C 58 -2.09 1.79 -16.74
N ALA C 59 -2.07 3.10 -16.45
CA ALA C 59 -2.13 3.53 -15.05
C ALA C 59 -3.51 3.29 -14.48
N MET C 60 -4.56 3.50 -15.28
CA MET C 60 -5.92 3.28 -14.80
C MET C 60 -6.14 1.82 -14.39
N MET C 61 -5.69 0.88 -15.23
CA MET C 61 -5.85 -0.53 -14.91
C MET C 61 -5.08 -0.90 -13.65
N ASP C 62 -3.92 -0.28 -13.43
CA ASP C 62 -3.16 -0.54 -12.22
C ASP C 62 -3.82 0.07 -11.00
N GLU C 63 -4.58 1.15 -11.16
CA GLU C 63 -5.30 1.77 -10.06
C GLU C 63 -6.62 1.08 -9.75
N GLY C 64 -7.11 0.21 -10.64
CA GLY C 64 -8.27 -0.60 -10.35
C GLY C 64 -9.39 -0.40 -11.33
N ALA C 65 -9.09 0.14 -12.51
CA ALA C 65 -10.12 0.40 -13.50
C ALA C 65 -10.56 -0.90 -14.16
N ASP C 66 -11.86 -1.16 -14.12
CA ASP C 66 -12.43 -2.32 -14.79
C ASP C 66 -12.87 -2.00 -16.21
N ILE C 67 -13.27 -0.75 -16.48
CA ILE C 67 -13.70 -0.31 -17.79
C ILE C 67 -12.96 0.97 -18.13
N ILE C 68 -12.68 1.14 -19.43
CA ILE C 68 -12.03 2.34 -19.96
C ILE C 68 -13.02 3.00 -20.91
N ASP C 69 -13.49 4.19 -20.55
CA ASP C 69 -14.45 4.95 -21.35
C ASP C 69 -13.69 5.94 -22.22
N VAL C 70 -13.68 5.69 -23.52
CA VAL C 70 -13.02 6.58 -24.48
C VAL C 70 -14.08 7.56 -25.00
N GLY C 71 -13.81 8.84 -24.83
CA GLY C 71 -14.75 9.87 -25.27
C GLY C 71 -14.05 10.97 -26.03
N GLY C 72 -14.70 11.43 -27.10
CA GLY C 72 -14.18 12.50 -27.91
C GLY C 72 -15.22 13.52 -28.30
N VAL C 73 -16.43 13.37 -27.76
CA VAL C 73 -17.55 14.24 -28.07
C VAL C 73 -18.24 14.66 -26.78
N SER C 74 -19.07 15.70 -26.88
CA SER C 74 -19.81 16.21 -25.73
C SER C 74 -21.16 16.72 -26.23
N THR C 75 -22.23 16.24 -25.60
CA THR C 75 -23.58 16.65 -25.95
C THR C 75 -24.08 17.82 -25.10
N ARG C 76 -23.20 18.48 -24.37
CA ARG C 76 -23.61 19.60 -23.55
C ARG C 76 -24.01 20.78 -24.43
N PRO C 77 -25.07 21.51 -24.06
CA PRO C 77 -25.49 22.66 -24.87
C PRO C 77 -24.42 23.74 -24.93
N GLY C 78 -23.85 23.95 -26.11
CA GLY C 78 -22.80 24.95 -26.28
C GLY C 78 -22.20 24.85 -27.66
N HIS C 79 -21.10 25.60 -27.84
CA HIS C 79 -20.40 25.63 -29.12
C HIS C 79 -19.42 24.46 -29.18
N GLU C 80 -19.96 23.29 -29.58
CA GLU C 80 -19.15 22.08 -29.65
C GLU C 80 -19.90 21.05 -30.50
N MET C 81 -19.44 20.87 -31.74
CA MET C 81 -19.85 19.72 -32.54
C MET C 81 -18.82 19.52 -33.64
N ILE C 82 -18.23 18.32 -33.69
CA ILE C 82 -17.23 17.98 -34.70
C ILE C 82 -17.85 17.02 -35.70
N THR C 83 -17.22 16.93 -36.87
CA THR C 83 -17.67 15.99 -37.89
C THR C 83 -17.36 14.55 -37.45
N VAL C 84 -17.97 13.59 -38.15
CA VAL C 84 -17.75 12.19 -37.84
C VAL C 84 -16.30 11.80 -38.10
N GLU C 85 -15.74 12.28 -39.21
CA GLU C 85 -14.36 11.93 -39.55
C GLU C 85 -13.38 12.43 -38.50
N GLU C 86 -13.61 13.62 -37.95
CA GLU C 86 -12.73 14.13 -36.90
C GLU C 86 -12.83 13.28 -35.63
N GLU C 87 -14.03 12.81 -35.29
CA GLU C 87 -14.18 11.96 -34.12
C GLU C 87 -13.43 10.64 -34.31
N LEU C 88 -13.52 10.06 -35.50
CA LEU C 88 -12.81 8.81 -35.76
C LEU C 88 -11.29 9.02 -35.75
N ASN C 89 -10.82 10.15 -36.28
CA ASN C 89 -9.40 10.43 -36.27
C ASN C 89 -8.83 10.57 -34.86
N ARG C 90 -9.68 10.90 -33.89
CA ARG C 90 -9.26 11.00 -32.50
C ARG C 90 -9.40 9.68 -31.76
N VAL C 91 -10.55 9.02 -31.90
CA VAL C 91 -10.84 7.84 -31.08
C VAL C 91 -10.14 6.60 -31.61
N LEU C 92 -10.14 6.41 -32.94
CA LEU C 92 -9.69 5.14 -33.52
C LEU C 92 -8.20 4.87 -33.31
N PRO C 93 -7.31 5.88 -33.40
CA PRO C 93 -5.90 5.61 -33.04
C PRO C 93 -5.71 5.15 -31.62
N VAL C 94 -6.51 5.64 -30.68
CA VAL C 94 -6.36 5.26 -29.28
C VAL C 94 -7.00 3.90 -29.02
N VAL C 95 -8.15 3.64 -29.65
CA VAL C 95 -8.84 2.37 -29.42
C VAL C 95 -8.02 1.20 -29.94
N GLU C 96 -7.46 1.34 -31.15
CA GLU C 96 -6.73 0.25 -31.78
C GLU C 96 -5.56 -0.22 -30.93
N ALA C 97 -4.91 0.71 -30.22
CA ALA C 97 -3.75 0.33 -29.41
C ALA C 97 -4.14 -0.40 -28.14
N ILE C 98 -5.24 0.00 -27.50
CA ILE C 98 -5.60 -0.50 -26.18
C ILE C 98 -6.69 -1.57 -26.21
N VAL C 99 -7.32 -1.83 -27.36
CA VAL C 99 -8.41 -2.80 -27.39
C VAL C 99 -7.91 -4.22 -27.14
N GLY C 100 -6.62 -4.48 -27.33
CA GLY C 100 -6.05 -5.79 -27.09
C GLY C 100 -5.62 -6.06 -25.67
N PHE C 101 -6.00 -5.21 -24.73
CA PHE C 101 -5.61 -5.36 -23.34
C PHE C 101 -6.68 -6.13 -22.56
N ASP C 102 -6.33 -6.54 -21.34
CA ASP C 102 -7.25 -7.30 -20.49
C ASP C 102 -8.13 -6.35 -19.68
N VAL C 103 -8.95 -5.61 -20.42
CA VAL C 103 -9.84 -4.62 -19.82
C VAL C 103 -11.01 -4.40 -20.77
N LYS C 104 -12.19 -4.16 -20.21
CA LYS C 104 -13.33 -3.80 -21.03
C LYS C 104 -13.20 -2.37 -21.53
N ILE C 105 -13.60 -2.15 -22.79
CA ILE C 105 -13.45 -0.87 -23.46
C ILE C 105 -14.82 -0.29 -23.75
N SER C 106 -15.03 0.94 -23.32
CA SER C 106 -16.26 1.68 -23.58
C SER C 106 -15.96 2.86 -24.48
N VAL C 107 -16.85 3.10 -25.45
CA VAL C 107 -16.71 4.22 -26.39
C VAL C 107 -17.86 5.18 -26.14
N ASP C 108 -17.53 6.44 -25.86
CA ASP C 108 -18.53 7.48 -25.62
C ASP C 108 -18.85 8.15 -26.95
N THR C 109 -19.91 7.66 -27.60
CA THR C 109 -20.34 8.22 -28.88
C THR C 109 -21.84 8.02 -29.00
N PHE C 110 -22.45 8.85 -29.85
CA PHE C 110 -23.89 8.79 -30.09
C PHE C 110 -24.23 8.61 -31.57
N ARG C 111 -23.23 8.39 -32.42
CA ARG C 111 -23.44 8.17 -33.85
C ARG C 111 -23.04 6.74 -34.18
N SER C 112 -23.92 6.04 -34.91
CA SER C 112 -23.70 4.62 -35.18
C SER C 112 -22.47 4.37 -36.02
N GLU C 113 -22.12 5.31 -36.90
CA GLU C 113 -20.94 5.12 -37.76
C GLU C 113 -19.68 5.04 -36.93
N VAL C 114 -19.58 5.82 -35.85
CA VAL C 114 -18.40 5.78 -35.00
C VAL C 114 -18.38 4.50 -34.17
N ALA C 115 -19.54 4.08 -33.67
CA ALA C 115 -19.60 2.88 -32.86
C ALA C 115 -19.30 1.64 -33.69
N GLU C 116 -19.80 1.60 -34.93
CA GLU C 116 -19.53 0.47 -35.80
C GLU C 116 -18.04 0.33 -36.08
N ALA C 117 -17.36 1.45 -36.31
CA ALA C 117 -15.92 1.40 -36.54
C ALA C 117 -15.18 0.88 -35.31
N CYS C 118 -15.62 1.31 -34.12
CA CYS C 118 -14.99 0.84 -32.89
C CYS C 118 -15.42 -0.58 -32.54
N LEU C 119 -16.68 -0.93 -32.83
CA LEU C 119 -17.14 -2.29 -32.55
C LEU C 119 -16.40 -3.31 -33.41
N LYS C 120 -15.99 -2.92 -34.62
CA LYS C 120 -15.20 -3.82 -35.44
C LYS C 120 -13.80 -4.03 -34.87
N LEU C 121 -13.28 -3.05 -34.12
CA LEU C 121 -11.98 -3.20 -33.49
C LEU C 121 -12.03 -4.08 -32.25
N GLY C 122 -13.19 -4.22 -31.62
CA GLY C 122 -13.33 -5.14 -30.51
C GLY C 122 -13.70 -4.47 -29.20
N VAL C 123 -14.31 -3.29 -29.25
CA VAL C 123 -14.75 -2.65 -28.03
C VAL C 123 -15.94 -3.42 -27.44
N ASP C 124 -16.11 -3.29 -26.12
CA ASP C 124 -17.12 -4.05 -25.41
C ASP C 124 -18.38 -3.27 -25.10
N ILE C 125 -18.25 -1.97 -24.81
CA ILE C 125 -19.36 -1.15 -24.35
C ILE C 125 -19.45 0.08 -25.23
N ILE C 126 -20.67 0.48 -25.58
CA ILE C 126 -20.92 1.72 -26.30
C ILE C 126 -21.65 2.67 -25.36
N ASN C 127 -20.98 3.74 -24.97
CA ASN C 127 -21.54 4.73 -24.05
C ASN C 127 -22.29 5.77 -24.87
N ASP C 128 -23.60 5.63 -24.97
CA ASP C 128 -24.44 6.52 -25.77
C ASP C 128 -25.04 7.60 -24.86
N GLN C 129 -24.69 8.85 -25.12
CA GLN C 129 -25.22 9.96 -24.34
C GLN C 129 -26.66 10.30 -24.71
N TRP C 130 -27.12 9.88 -25.88
CA TRP C 130 -28.50 10.13 -26.30
C TRP C 130 -29.38 8.90 -26.22
N ALA C 131 -28.84 7.76 -25.77
CA ALA C 131 -29.62 6.53 -25.58
C ALA C 131 -30.31 6.10 -26.87
N GLY C 132 -29.64 6.28 -28.01
CA GLY C 132 -30.18 5.90 -29.28
C GLY C 132 -31.16 6.88 -29.89
N LEU C 133 -31.41 8.02 -29.24
CA LEU C 133 -32.35 9.00 -29.79
C LEU C 133 -31.74 9.74 -30.97
N TYR C 134 -30.43 10.00 -30.94
CA TYR C 134 -29.78 10.69 -32.05
C TYR C 134 -29.69 9.78 -33.27
N ASP C 135 -29.21 8.55 -33.07
CA ASP C 135 -29.07 7.57 -34.14
C ASP C 135 -29.75 6.29 -33.69
N HIS C 136 -30.91 5.99 -34.30
CA HIS C 136 -31.66 4.79 -33.91
C HIS C 136 -30.99 3.51 -34.38
N ARG C 137 -30.03 3.60 -35.30
CA ARG C 137 -29.30 2.42 -35.76
C ARG C 137 -28.31 1.91 -34.72
N MET C 138 -28.16 2.61 -33.60
CA MET C 138 -27.20 2.19 -32.59
C MET C 138 -27.59 0.87 -31.95
N PHE C 139 -28.90 0.62 -31.77
CA PHE C 139 -29.33 -0.60 -31.11
C PHE C 139 -29.03 -1.84 -31.96
N GLN C 140 -29.35 -1.76 -33.26
CA GLN C 140 -29.06 -2.90 -34.13
C GLN C 140 -27.57 -3.12 -34.31
N VAL C 141 -26.78 -2.04 -34.25
CA VAL C 141 -25.33 -2.19 -34.41
C VAL C 141 -24.73 -2.82 -33.16
N VAL C 142 -25.16 -2.36 -31.98
CA VAL C 142 -24.66 -2.94 -30.73
C VAL C 142 -25.13 -4.39 -30.60
N ALA C 143 -26.40 -4.65 -30.92
CA ALA C 143 -26.90 -6.02 -30.87
C ALA C 143 -26.20 -6.91 -31.89
N LYS C 144 -25.75 -6.33 -33.00
CA LYS C 144 -25.05 -7.12 -34.01
C LYS C 144 -23.78 -7.74 -33.45
N TYR C 145 -23.04 -6.98 -32.63
CA TYR C 145 -21.77 -7.45 -32.09
C TYR C 145 -21.92 -8.02 -30.68
N ASP C 146 -23.16 -8.19 -30.21
CA ASP C 146 -23.45 -8.75 -28.89
C ASP C 146 -22.66 -8.02 -27.80
N ALA C 147 -22.72 -6.69 -27.86
CA ALA C 147 -21.98 -5.82 -26.95
C ALA C 147 -22.96 -5.12 -26.01
N GLU C 148 -22.41 -4.36 -25.07
CA GLU C 148 -23.19 -3.61 -24.10
C GLU C 148 -23.31 -2.16 -24.54
N ILE C 149 -24.42 -1.54 -24.19
CA ILE C 149 -24.72 -0.16 -24.53
C ILE C 149 -25.13 0.58 -23.26
N VAL C 150 -24.69 1.83 -23.13
CA VAL C 150 -25.07 2.68 -22.01
C VAL C 150 -26.09 3.69 -22.53
N LEU C 151 -27.24 3.76 -21.86
CA LEU C 151 -28.31 4.68 -22.21
C LEU C 151 -28.35 5.77 -21.16
N MET C 152 -27.90 6.97 -21.52
CA MET C 152 -27.84 8.10 -20.60
C MET C 152 -29.05 9.00 -20.80
N HIS C 153 -29.60 9.47 -19.69
CA HIS C 153 -30.73 10.40 -19.76
C HIS C 153 -30.24 11.77 -20.21
N ASN C 154 -30.89 12.32 -21.25
CA ASN C 154 -30.50 13.59 -21.82
C ASN C 154 -31.74 14.30 -22.33
N GLY C 155 -31.54 15.53 -22.80
CA GLY C 155 -32.64 16.31 -23.33
C GLY C 155 -32.25 17.78 -23.40
N ASN C 156 -33.25 18.61 -23.69
CA ASN C 156 -33.04 20.04 -23.78
C ASN C 156 -33.28 20.76 -22.46
N GLY C 157 -33.84 20.08 -21.46
CA GLY C 157 -34.13 20.67 -20.17
C GLY C 157 -35.60 20.93 -19.93
N ASN C 158 -36.44 20.75 -20.94
CA ASN C 158 -37.87 20.99 -20.81
C ASN C 158 -38.60 19.67 -20.65
N ARG C 159 -39.60 19.66 -19.77
CA ARG C 159 -40.40 18.47 -19.51
C ARG C 159 -41.70 18.90 -18.86
N ASP C 160 -42.75 18.12 -19.12
CA ASP C 160 -44.06 18.36 -18.56
C ASP C 160 -44.35 17.53 -17.31
N GLU C 161 -43.44 16.65 -16.93
CA GLU C 161 -43.57 15.78 -15.79
C GLU C 161 -42.34 15.96 -14.89
N PRO C 162 -42.41 15.50 -13.64
CA PRO C 162 -41.23 15.57 -12.78
C PRO C 162 -40.03 14.86 -13.41
N VAL C 163 -38.84 15.30 -13.01
CA VAL C 163 -37.61 14.84 -13.65
C VAL C 163 -37.45 13.33 -13.48
N VAL C 164 -37.84 12.81 -12.32
CA VAL C 164 -37.68 11.38 -12.06
C VAL C 164 -38.63 10.58 -12.93
N GLU C 165 -39.90 11.00 -13.00
CA GLU C 165 -40.87 10.31 -13.84
C GLU C 165 -40.51 10.42 -15.32
N GLU C 166 -40.01 11.58 -15.74
CA GLU C 166 -39.61 11.76 -17.13
C GLU C 166 -38.38 10.92 -17.46
N MET C 167 -37.43 10.81 -16.53
CA MET C 167 -36.21 10.05 -16.78
C MET C 167 -36.51 8.56 -16.93
N LEU C 168 -37.32 8.01 -16.04
CA LEU C 168 -37.65 6.59 -16.13
C LEU C 168 -38.47 6.30 -17.39
N THR C 169 -39.38 7.19 -17.74
CA THR C 169 -40.18 6.99 -18.94
C THR C 169 -39.31 6.97 -20.19
N SER C 170 -38.32 7.87 -20.25
CA SER C 170 -37.45 7.93 -21.42
C SER C 170 -36.48 6.77 -21.45
N LEU C 171 -35.89 6.43 -20.30
CA LEU C 171 -34.88 5.37 -20.28
C LEU C 171 -35.51 4.00 -20.52
N LEU C 172 -36.65 3.74 -19.90
CA LEU C 172 -37.31 2.45 -20.10
C LEU C 172 -37.81 2.29 -21.53
N ALA C 173 -38.23 3.38 -22.16
CA ALA C 173 -38.63 3.31 -23.57
C ALA C 173 -37.45 2.98 -24.46
N GLN C 174 -36.29 3.61 -24.21
CA GLN C 174 -35.10 3.29 -24.98
C GLN C 174 -34.57 1.91 -24.63
N ALA C 175 -34.72 1.48 -23.37
CA ALA C 175 -34.29 0.15 -22.99
C ALA C 175 -35.11 -0.93 -23.69
N HIS C 176 -36.40 -0.66 -23.92
CA HIS C 176 -37.24 -1.62 -24.64
C HIS C 176 -36.84 -1.68 -26.12
N GLN C 177 -36.47 -0.54 -26.70
CA GLN C 177 -36.04 -0.53 -28.09
C GLN C 177 -34.77 -1.34 -28.28
N ALA C 178 -33.87 -1.31 -27.28
CA ALA C 178 -32.67 -2.13 -27.35
C ALA C 178 -33.00 -3.60 -27.23
N LYS C 179 -34.05 -3.94 -26.47
CA LYS C 179 -34.46 -5.33 -26.35
C LYS C 179 -35.05 -5.84 -27.66
N ILE C 180 -35.74 -4.96 -28.40
CA ILE C 180 -36.27 -5.33 -29.71
C ILE C 180 -35.14 -5.70 -30.67
N ALA C 181 -34.04 -4.96 -30.60
CA ALA C 181 -32.90 -5.24 -31.48
C ALA C 181 -32.21 -6.55 -31.14
N GLY C 182 -32.40 -7.07 -29.93
CA GLY C 182 -31.77 -8.31 -29.52
C GLY C 182 -30.84 -8.19 -28.33
N ILE C 183 -30.73 -7.03 -27.72
CA ILE C 183 -29.81 -6.85 -26.58
C ILE C 183 -30.49 -7.37 -25.32
N PRO C 184 -29.86 -8.26 -24.57
CA PRO C 184 -30.46 -8.76 -23.33
C PRO C 184 -30.43 -7.70 -22.24
N SER C 185 -31.20 -7.96 -21.18
CA SER C 185 -31.39 -6.96 -20.13
C SER C 185 -30.10 -6.72 -19.35
N ASN C 186 -29.31 -7.77 -19.11
CA ASN C 186 -28.06 -7.61 -18.39
C ASN C 186 -27.12 -6.62 -19.09
N LYS C 187 -27.19 -6.54 -20.41
CA LYS C 187 -26.27 -5.73 -21.20
C LYS C 187 -26.80 -4.34 -21.49
N ILE C 188 -27.91 -3.95 -20.87
CA ILE C 188 -28.52 -2.64 -21.06
C ILE C 188 -28.29 -1.84 -19.78
N TRP C 189 -27.45 -0.81 -19.87
CA TRP C 189 -27.10 0.02 -18.73
C TRP C 189 -27.88 1.33 -18.76
N LEU C 190 -28.21 1.83 -17.58
CA LEU C 190 -28.98 3.07 -17.44
C LEU C 190 -28.15 4.07 -16.64
N ASP C 191 -28.02 5.28 -17.18
CA ASP C 191 -27.31 6.36 -16.54
C ASP C 191 -28.27 7.51 -16.29
N PRO C 192 -28.36 8.02 -15.05
CA PRO C 192 -29.29 9.14 -14.79
C PRO C 192 -28.95 10.40 -15.55
N GLY C 193 -27.72 10.53 -16.05
CA GLY C 193 -27.35 11.69 -16.82
C GLY C 193 -27.25 12.95 -16.00
N ILE C 194 -26.42 12.91 -14.94
CA ILE C 194 -26.22 14.08 -14.10
C ILE C 194 -25.48 15.14 -14.90
N GLY C 195 -26.01 16.35 -14.92
CA GLY C 195 -25.44 17.43 -15.71
C GLY C 195 -26.03 17.57 -17.09
N PHE C 196 -27.12 16.89 -17.40
CA PHE C 196 -27.74 16.93 -18.72
C PHE C 196 -29.23 17.19 -18.56
N ALA C 197 -29.70 18.32 -19.08
CA ALA C 197 -31.12 18.67 -19.08
C ALA C 197 -31.70 18.71 -17.67
N LYS C 198 -30.88 19.07 -16.68
CA LYS C 198 -31.31 19.10 -15.30
C LYS C 198 -30.71 20.30 -14.59
N THR C 199 -31.48 20.87 -13.67
CA THR C 199 -30.97 21.89 -12.77
C THR C 199 -30.36 21.23 -11.54
N ARG C 200 -29.70 22.05 -10.71
CA ARG C 200 -29.10 21.52 -9.49
C ARG C 200 -30.14 20.95 -8.54
N ASN C 201 -31.36 21.50 -8.55
CA ASN C 201 -32.42 20.98 -7.70
C ASN C 201 -32.95 19.66 -8.26
N GLU C 202 -33.04 19.53 -9.58
CA GLU C 202 -33.51 18.30 -10.19
C GLU C 202 -32.45 17.21 -10.08
N GLU C 203 -31.16 17.59 -10.13
CA GLU C 203 -30.09 16.62 -9.90
C GLU C 203 -30.18 16.07 -8.49
N ALA C 204 -30.50 16.93 -7.51
CA ALA C 204 -30.67 16.47 -6.14
C ALA C 204 -31.90 15.59 -6.01
N GLU C 205 -32.92 15.84 -6.83
CA GLU C 205 -34.11 14.99 -6.81
C GLU C 205 -33.80 13.60 -7.35
N VAL C 206 -32.93 13.51 -8.36
CA VAL C 206 -32.53 12.22 -8.90
C VAL C 206 -31.63 11.49 -7.91
N MET C 207 -30.64 12.20 -7.37
CA MET C 207 -29.70 11.57 -6.45
C MET C 207 -30.38 11.10 -5.17
N ALA C 208 -31.48 11.74 -4.78
CA ALA C 208 -32.21 11.32 -3.59
C ALA C 208 -33.10 10.11 -3.83
N ARG C 209 -33.38 9.78 -5.09
CA ARG C 209 -34.27 8.68 -5.45
C ARG C 209 -33.56 7.69 -6.38
N LEU C 210 -32.32 7.35 -6.06
CA LEU C 210 -31.57 6.42 -6.89
C LEU C 210 -32.14 5.00 -6.80
N ASP C 211 -32.82 4.68 -5.70
CA ASP C 211 -33.40 3.35 -5.54
C ASP C 211 -34.48 3.09 -6.58
N GLU C 212 -35.18 4.13 -7.03
CA GLU C 212 -36.20 3.97 -8.06
C GLU C 212 -35.60 3.59 -9.41
N LEU C 213 -34.40 4.08 -9.72
CA LEU C 213 -33.76 3.69 -10.97
C LEU C 213 -33.16 2.30 -10.92
N VAL C 214 -32.69 1.85 -9.75
CA VAL C 214 -32.18 0.50 -9.67
C VAL C 214 -33.32 -0.52 -9.65
N ALA C 215 -34.50 -0.11 -9.18
CA ALA C 215 -35.65 -1.01 -9.20
C ALA C 215 -36.06 -1.40 -10.61
N THR C 216 -35.55 -0.69 -11.63
CA THR C 216 -35.76 -1.10 -13.02
C THR C 216 -35.19 -2.49 -13.30
N GLU C 217 -34.28 -2.97 -12.44
CA GLU C 217 -33.52 -4.21 -12.60
C GLU C 217 -32.48 -4.12 -13.71
N TYR C 218 -32.27 -2.93 -14.29
CA TYR C 218 -31.14 -2.74 -15.18
C TYR C 218 -29.92 -2.30 -14.39
N PRO C 219 -28.73 -2.70 -14.83
CA PRO C 219 -27.51 -2.21 -14.18
C PRO C 219 -27.37 -0.71 -14.34
N VAL C 220 -27.16 -0.01 -13.23
CA VAL C 220 -27.13 1.44 -13.20
C VAL C 220 -25.69 1.92 -13.15
N LEU C 221 -25.35 2.86 -14.03
CA LEU C 221 -24.04 3.50 -14.05
C LEU C 221 -24.19 4.92 -13.55
N LEU C 222 -23.36 5.30 -12.57
CA LEU C 222 -23.39 6.63 -11.98
C LEU C 222 -22.18 7.42 -12.46
N ALA C 223 -22.43 8.61 -13.01
CA ALA C 223 -21.38 9.47 -13.54
C ALA C 223 -21.59 10.88 -13.01
N THR C 224 -20.95 11.21 -11.88
CA THR C 224 -21.02 12.53 -11.29
C THR C 224 -19.62 13.09 -11.00
N SER C 225 -18.60 12.58 -11.67
CA SER C 225 -17.22 12.94 -11.33
C SER C 225 -16.93 14.39 -11.68
N ARG C 226 -16.59 15.18 -10.66
CA ARG C 226 -16.13 16.56 -10.81
C ARG C 226 -17.16 17.44 -11.52
N LYS C 227 -18.44 17.08 -11.44
CA LYS C 227 -19.49 17.84 -12.10
C LYS C 227 -19.99 18.95 -11.19
N ARG C 228 -20.89 19.78 -11.72
CA ARG C 228 -21.42 20.89 -10.94
C ARG C 228 -22.19 20.41 -9.73
N PHE C 229 -22.75 19.19 -9.78
CA PHE C 229 -23.43 18.64 -8.61
C PHE C 229 -22.47 18.45 -7.45
N THR C 230 -21.24 17.98 -7.74
CA THR C 230 -20.25 17.85 -6.67
C THR C 230 -19.83 19.20 -6.13
N LYS C 231 -19.84 20.23 -6.98
CA LYS C 231 -19.56 21.59 -6.50
C LYS C 231 -20.67 22.08 -5.59
N LYS C 232 -21.92 21.69 -5.87
CA LYS C 232 -23.03 22.05 -5.01
C LYS C 232 -22.98 21.34 -3.68
N MET C 233 -22.39 20.14 -3.64
CA MET C 233 -22.23 19.43 -2.38
C MET C 233 -21.31 20.18 -1.44
N MET C 234 -20.20 20.69 -1.97
CA MET C 234 -19.31 21.54 -1.20
C MET C 234 -19.93 22.92 -1.04
N GLY C 235 -19.40 23.69 -0.10
CA GLY C 235 -19.91 25.02 0.15
C GLY C 235 -19.17 26.17 -0.49
N TYR C 236 -18.07 25.90 -1.20
CA TYR C 236 -17.29 26.96 -1.83
C TYR C 236 -16.86 26.54 -3.23
N ASP C 237 -16.35 27.51 -3.98
CA ASP C 237 -15.94 27.28 -5.36
C ASP C 237 -14.63 26.51 -5.37
N THR C 238 -14.56 25.48 -6.22
CA THR C 238 -13.41 24.58 -6.23
C THR C 238 -12.98 24.31 -7.66
N THR C 239 -11.76 23.80 -7.78
CA THR C 239 -11.27 23.26 -9.04
C THR C 239 -11.77 21.82 -9.18
N PRO C 240 -11.81 21.30 -10.41
CA PRO C 240 -12.33 19.93 -10.60
C PRO C 240 -11.62 18.88 -9.77
N VAL C 241 -10.31 18.96 -9.63
CA VAL C 241 -9.56 17.92 -8.93
C VAL C 241 -9.87 17.93 -7.44
N GLU C 242 -10.27 19.09 -6.89
CA GLU C 242 -10.63 19.16 -5.48
C GLU C 242 -12.04 18.66 -5.20
N ARG C 243 -12.74 18.14 -6.20
CA ARG C 243 -14.06 17.57 -6.02
C ARG C 243 -14.05 16.05 -6.07
N ASP C 244 -12.87 15.43 -5.98
CA ASP C 244 -12.78 13.98 -6.01
C ASP C 244 -13.30 13.35 -4.73
N GLU C 245 -13.14 14.04 -3.60
CA GLU C 245 -13.61 13.50 -2.33
C GLU C 245 -15.13 13.43 -2.29
N VAL C 246 -15.80 14.51 -2.67
CA VAL C 246 -17.27 14.49 -2.73
C VAL C 246 -17.75 13.61 -3.88
N THR C 247 -16.93 13.42 -4.91
CA THR C 247 -17.26 12.46 -5.96
C THR C 247 -17.25 11.04 -5.42
N ALA C 248 -16.24 10.70 -4.63
CA ALA C 248 -16.21 9.39 -3.99
C ALA C 248 -17.39 9.22 -3.04
N ALA C 249 -17.87 10.31 -2.44
CA ALA C 249 -19.07 10.23 -1.61
C ALA C 249 -20.27 9.80 -2.43
N THR C 250 -20.43 10.35 -3.63
CA THR C 250 -21.47 9.89 -4.53
C THR C 250 -21.25 8.42 -4.91
N THR C 251 -20.00 7.99 -5.00
CA THR C 251 -19.69 6.61 -5.34
C THR C 251 -20.16 5.66 -4.26
N ALA C 252 -19.76 5.92 -3.01
CA ALA C 252 -20.18 5.06 -1.90
C ALA C 252 -21.69 5.12 -1.70
N TYR C 253 -22.28 6.30 -1.81
CA TYR C 253 -23.73 6.43 -1.66
C TYR C 253 -24.47 5.69 -2.76
N GLY C 254 -23.94 5.72 -3.99
CA GLY C 254 -24.59 5.04 -5.09
C GLY C 254 -24.56 3.53 -4.93
N ILE C 255 -23.44 2.98 -4.47
CA ILE C 255 -23.32 1.53 -4.30
C ILE C 255 -24.32 1.05 -3.26
N MET C 256 -24.50 1.82 -2.18
CA MET C 256 -25.49 1.48 -1.18
C MET C 256 -26.91 1.56 -1.72
N LYS C 257 -27.13 2.30 -2.80
CA LYS C 257 -28.44 2.39 -3.42
C LYS C 257 -28.70 1.29 -4.43
N GLY C 258 -27.65 0.70 -5.00
CA GLY C 258 -27.80 -0.43 -5.89
C GLY C 258 -27.21 -0.25 -7.27
N VAL C 259 -26.38 0.78 -7.46
CA VAL C 259 -25.74 0.96 -8.75
C VAL C 259 -24.64 -0.09 -8.92
N ARG C 260 -24.32 -0.36 -10.19
CA ARG C 260 -23.37 -1.42 -10.52
C ARG C 260 -22.06 -0.92 -11.08
N ALA C 261 -21.97 0.34 -11.49
CA ALA C 261 -20.74 0.89 -12.02
C ALA C 261 -20.72 2.39 -11.82
N VAL C 262 -19.52 2.97 -11.85
CA VAL C 262 -19.33 4.40 -11.69
C VAL C 262 -18.32 4.89 -12.72
N ARG C 263 -18.58 6.07 -13.28
CA ARG C 263 -17.71 6.72 -14.25
C ARG C 263 -17.02 7.87 -13.53
N VAL C 264 -15.75 7.66 -13.18
CA VAL C 264 -15.01 8.60 -12.34
C VAL C 264 -13.69 8.98 -13.00
N HIS C 265 -13.14 10.10 -12.54
CA HIS C 265 -11.82 10.56 -12.98
C HIS C 265 -10.72 9.92 -12.14
N ASN C 266 -10.77 10.11 -10.83
CA ASN C 266 -9.80 9.52 -9.90
C ASN C 266 -10.14 8.05 -9.72
N VAL C 267 -9.42 7.18 -10.43
CA VAL C 267 -9.72 5.75 -10.37
C VAL C 267 -9.34 5.16 -9.01
N GLU C 268 -8.15 5.51 -8.52
CA GLU C 268 -7.63 4.87 -7.31
C GLU C 268 -8.50 5.18 -6.10
N LEU C 269 -8.94 6.43 -5.97
CA LEU C 269 -9.75 6.80 -4.81
C LEU C 269 -11.10 6.10 -4.85
N ASN C 270 -11.71 6.00 -6.02
CA ASN C 270 -13.02 5.37 -6.12
C ASN C 270 -12.92 3.85 -6.10
N ALA C 271 -11.90 3.29 -6.75
CA ALA C 271 -11.76 1.83 -6.77
C ALA C 271 -11.47 1.28 -5.38
N LYS C 272 -10.59 1.95 -4.63
CA LYS C 272 -10.27 1.49 -3.28
C LYS C 272 -11.44 1.73 -2.33
N LEU C 273 -12.26 2.74 -2.60
CA LEU C 273 -13.44 3.00 -1.77
C LEU C 273 -14.57 2.04 -2.13
N ALA C 274 -14.74 1.73 -3.40
CA ALA C 274 -15.79 0.79 -3.82
C ALA C 274 -15.52 -0.61 -3.28
N LYS C 275 -14.25 -1.04 -3.29
CA LYS C 275 -13.92 -2.35 -2.74
C LYS C 275 -14.26 -2.44 -1.25
N GLY C 276 -14.11 -1.33 -0.52
CA GLY C 276 -14.51 -1.33 0.87
C GLY C 276 -16.01 -1.38 1.05
N ILE C 277 -16.74 -0.60 0.23
CA ILE C 277 -18.19 -0.60 0.32
C ILE C 277 -18.75 -1.94 -0.16
N ASP C 278 -18.17 -2.50 -1.21
CA ASP C 278 -18.60 -3.82 -1.69
C ASP C 278 -18.38 -4.88 -0.63
N PHE C 279 -17.27 -4.80 0.12
CA PHE C 279 -17.03 -5.76 1.19
C PHE C 279 -18.08 -5.62 2.29
N LEU C 280 -18.38 -4.39 2.71
CA LEU C 280 -19.32 -4.18 3.80
C LEU C 280 -20.74 -4.55 3.39
N LYS C 281 -21.10 -4.33 2.12
CA LYS C 281 -22.43 -4.71 1.67
C LYS C 281 -22.57 -6.22 1.58
N GLU C 282 -21.54 -6.89 1.05
CA GLU C 282 -21.56 -8.35 1.01
C GLU C 282 -21.49 -8.95 2.42
N ASN C 283 -20.73 -8.31 3.31
CA ASN C 283 -20.68 -8.76 4.70
C ASN C 283 -22.02 -8.58 5.38
N GLU C 284 -22.74 -7.50 5.05
CA GLU C 284 -24.04 -7.26 5.66
C GLU C 284 -25.09 -8.23 5.12
N ASN C 285 -25.02 -8.54 3.82
CA ASN C 285 -25.97 -9.48 3.23
C ASN C 285 -25.69 -10.91 3.66
N ALA C 286 -24.42 -11.26 3.86
CA ALA C 286 -24.08 -12.64 4.20
C ALA C 286 -24.51 -13.01 5.60
N ARG C 287 -24.48 -12.07 6.54
CA ARG C 287 -24.86 -12.32 7.92
C ARG C 287 -26.30 -11.93 8.21
N HIS C 288 -27.12 -11.78 7.18
CA HIS C 288 -28.54 -11.49 7.35
C HIS C 288 -29.38 -12.46 6.54
N THR D 26 35.10 -5.60 -8.75
CA THR D 26 35.28 -5.56 -7.31
C THR D 26 33.97 -5.25 -6.59
N LYS D 27 34.07 -4.63 -5.41
CA LYS D 27 32.90 -4.30 -4.64
C LYS D 27 32.17 -3.10 -5.24
N THR D 28 30.90 -2.95 -4.88
CA THR D 28 30.12 -1.80 -5.32
C THR D 28 30.42 -0.62 -4.40
N LYS D 29 30.88 0.49 -4.99
CA LYS D 29 31.20 1.66 -4.19
C LYS D 29 29.93 2.33 -3.68
N ILE D 30 29.98 2.81 -2.44
CA ILE D 30 28.82 3.43 -1.82
C ILE D 30 29.10 4.92 -1.64
N MET D 31 28.33 5.73 -2.36
CA MET D 31 28.47 7.18 -2.34
C MET D 31 27.46 7.78 -1.38
N GLY D 32 27.95 8.45 -0.34
CA GLY D 32 27.09 9.10 0.63
C GLY D 32 26.73 10.50 0.17
N ILE D 33 25.49 10.89 0.47
CA ILE D 33 24.96 12.18 0.06
C ILE D 33 25.24 13.21 1.16
N LEU D 34 25.92 14.29 0.80
CA LEU D 34 26.18 15.37 1.75
C LEU D 34 25.69 16.71 1.18
N ASN D 49 27.77 24.91 8.12
CA ASN D 49 28.33 24.39 9.36
C ASN D 49 29.26 23.20 9.07
N VAL D 50 30.45 23.24 9.65
CA VAL D 50 31.45 22.19 9.47
C VAL D 50 31.37 21.20 10.63
N GLU D 51 31.08 21.71 11.84
CA GLU D 51 30.98 20.85 13.00
C GLU D 51 29.96 19.75 12.79
N SER D 52 28.82 20.08 12.17
CA SER D 52 27.81 19.07 11.88
C SER D 52 28.17 18.23 10.67
N ALA D 53 28.97 18.78 9.74
CA ALA D 53 29.37 18.02 8.57
C ALA D 53 30.39 16.95 8.92
N VAL D 54 31.42 17.31 9.70
CA VAL D 54 32.45 16.35 10.07
C VAL D 54 31.88 15.24 10.94
N THR D 55 30.91 15.61 11.73
CA THR D 55 30.30 14.60 12.56
C THR D 55 29.63 13.59 11.67
N ARG D 56 28.93 14.13 10.69
CA ARG D 56 28.19 13.36 9.73
C ARG D 56 29.09 12.51 8.92
N VAL D 57 30.18 13.07 8.42
CA VAL D 57 31.07 12.26 7.62
C VAL D 57 31.67 11.16 8.44
N LYS D 58 32.08 11.48 9.63
CA LYS D 58 32.73 10.42 10.40
C LYS D 58 31.82 9.22 10.58
N ALA D 59 30.51 9.46 10.70
CA ALA D 59 29.54 8.37 10.80
C ALA D 59 29.36 7.65 9.47
N MET D 60 29.49 8.36 8.34
CA MET D 60 29.32 7.71 7.04
C MET D 60 30.31 6.58 6.87
N MET D 61 31.59 6.84 7.17
CA MET D 61 32.61 5.79 7.06
C MET D 61 32.40 4.68 8.07
N ASP D 62 31.89 5.01 9.25
CA ASP D 62 31.66 3.98 10.26
C ASP D 62 30.60 2.99 9.82
N GLU D 63 29.61 3.45 9.06
CA GLU D 63 28.59 2.59 8.50
C GLU D 63 28.96 1.98 7.16
N GLY D 64 30.02 2.48 6.51
CA GLY D 64 30.52 1.82 5.33
C GLY D 64 30.59 2.65 4.06
N ALA D 65 30.62 3.98 4.20
CA ALA D 65 30.64 4.82 3.02
C ALA D 65 32.00 4.75 2.34
N ASP D 66 32.00 4.44 1.05
CA ASP D 66 33.23 4.44 0.26
C ASP D 66 33.51 5.79 -0.38
N ILE D 67 32.46 6.55 -0.73
CA ILE D 67 32.56 7.87 -1.34
C ILE D 67 31.64 8.83 -0.59
N ILE D 68 32.07 10.08 -0.49
CA ILE D 68 31.29 11.15 0.10
C ILE D 68 31.04 12.18 -0.99
N ASP D 69 29.79 12.33 -1.40
CA ASP D 69 29.39 13.31 -2.41
C ASP D 69 28.88 14.55 -1.69
N VAL D 70 29.63 15.63 -1.76
CA VAL D 70 29.26 16.89 -1.12
C VAL D 70 28.49 17.73 -2.13
N GLY D 71 27.28 18.13 -1.75
CA GLY D 71 26.43 18.93 -2.62
C GLY D 71 25.82 20.13 -1.92
N MET D 81 19.05 29.46 -8.28
CA MET D 81 20.48 29.42 -8.57
C MET D 81 21.28 30.35 -7.66
N ILE D 82 22.35 29.84 -7.05
CA ILE D 82 23.20 30.63 -6.18
C ILE D 82 24.41 31.05 -7.01
N THR D 83 25.07 32.15 -6.64
CA THR D 83 26.25 32.58 -7.39
C THR D 83 27.36 31.59 -7.13
N VAL D 84 28.44 31.71 -7.91
CA VAL D 84 29.54 30.78 -7.76
C VAL D 84 30.19 30.89 -6.38
N GLU D 85 30.42 32.10 -5.87
CA GLU D 85 31.10 32.23 -4.58
C GLU D 85 30.31 31.59 -3.45
N GLU D 86 28.98 31.67 -3.50
CA GLU D 86 28.16 31.02 -2.48
C GLU D 86 28.32 29.51 -2.54
N GLU D 87 28.47 28.95 -3.75
CA GLU D 87 28.74 27.53 -3.87
C GLU D 87 30.11 27.19 -3.30
N LEU D 88 31.12 28.01 -3.59
CA LEU D 88 32.45 27.79 -3.02
C LEU D 88 32.44 28.03 -1.51
N ASN D 89 31.69 29.05 -1.06
CA ASN D 89 31.61 29.34 0.36
C ASN D 89 30.91 28.24 1.15
N ARG D 90 30.12 27.39 0.48
CA ARG D 90 29.45 26.28 1.15
C ARG D 90 30.29 25.01 1.16
N VAL D 91 30.85 24.63 0.01
CA VAL D 91 31.49 23.33 -0.12
C VAL D 91 32.89 23.33 0.46
N LEU D 92 33.69 24.37 0.18
CA LEU D 92 35.10 24.31 0.51
C LEU D 92 35.41 24.34 2.01
N PRO D 93 34.66 25.06 2.84
CA PRO D 93 34.88 24.86 4.28
C PRO D 93 34.69 23.42 4.71
N VAL D 94 33.76 22.70 4.06
CA VAL D 94 33.50 21.31 4.40
C VAL D 94 34.49 20.38 3.72
N VAL D 95 34.87 20.69 2.48
CA VAL D 95 35.71 19.77 1.72
C VAL D 95 37.07 19.68 2.37
N GLU D 96 37.65 20.83 2.75
CA GLU D 96 38.99 20.89 3.35
C GLU D 96 39.09 20.10 4.64
N ALA D 97 38.01 20.06 5.42
CA ALA D 97 38.05 19.35 6.70
C ALA D 97 38.03 17.83 6.50
N ILE D 98 37.27 17.36 5.52
CA ILE D 98 37.04 15.93 5.36
C ILE D 98 37.87 15.30 4.25
N VAL D 99 38.54 16.09 3.41
CA VAL D 99 39.33 15.53 2.32
C VAL D 99 40.55 14.80 2.85
N GLY D 100 40.98 15.09 4.08
CA GLY D 100 42.12 14.45 4.67
C GLY D 100 41.84 13.12 5.32
N PHE D 101 40.63 12.60 5.14
CA PHE D 101 40.23 11.32 5.70
C PHE D 101 40.48 10.21 4.68
N ASP D 102 40.35 8.96 5.15
CA ASP D 102 40.60 7.79 4.29
C ASP D 102 39.32 7.41 3.55
N VAL D 103 38.90 8.32 2.67
CA VAL D 103 37.66 8.18 1.90
C VAL D 103 37.83 8.94 0.58
N LYS D 104 37.25 8.41 -0.48
CA LYS D 104 37.17 9.15 -1.73
C LYS D 104 36.13 10.25 -1.59
N ILE D 105 36.43 11.42 -2.15
CA ILE D 105 35.60 12.60 -1.97
C ILE D 105 34.99 13.00 -3.30
N SER D 106 33.66 13.13 -3.33
CA SER D 106 32.91 13.60 -4.49
C SER D 106 32.23 14.92 -4.16
N VAL D 107 32.25 15.85 -5.12
CA VAL D 107 31.56 17.13 -5.00
C VAL D 107 30.52 17.20 -6.12
N ASP D 108 29.26 17.49 -5.74
CA ASP D 108 28.15 17.56 -6.67
C ASP D 108 28.08 18.98 -7.22
N THR D 109 28.66 19.19 -8.41
CA THR D 109 28.68 20.51 -9.02
C THR D 109 28.64 20.38 -10.53
N PHE D 110 28.18 21.44 -11.20
CA PHE D 110 28.05 21.45 -12.65
C PHE D 110 28.80 22.61 -13.30
N ARG D 111 29.54 23.40 -12.53
CA ARG D 111 30.32 24.52 -13.05
C ARG D 111 31.80 24.21 -12.88
N SER D 112 32.57 24.42 -13.96
CA SER D 112 33.97 24.00 -13.97
C SER D 112 34.81 24.75 -12.95
N GLU D 113 34.45 26.02 -12.66
CA GLU D 113 35.23 26.80 -11.70
C GLU D 113 35.18 26.18 -10.30
N VAL D 114 34.03 25.61 -9.93
CA VAL D 114 33.89 25.02 -8.59
C VAL D 114 34.65 23.71 -8.51
N ALA D 115 34.59 22.89 -9.56
CA ALA D 115 35.24 21.59 -9.53
C ALA D 115 36.75 21.71 -9.50
N GLU D 116 37.31 22.65 -10.28
CA GLU D 116 38.76 22.82 -10.30
C GLU D 116 39.30 23.24 -8.94
N ALA D 117 38.59 24.14 -8.26
CA ALA D 117 39.03 24.58 -6.93
C ALA D 117 39.06 23.42 -5.95
N CYS D 118 38.06 22.54 -6.00
CA CYS D 118 38.00 21.40 -5.10
C CYS D 118 38.97 20.30 -5.49
N LEU D 119 39.20 20.11 -6.79
CA LEU D 119 40.10 19.06 -7.24
C LEU D 119 41.53 19.27 -6.76
N LYS D 120 41.95 20.52 -6.60
CA LYS D 120 43.28 20.82 -6.07
C LYS D 120 43.38 20.49 -4.58
N LEU D 121 42.25 20.50 -3.87
CA LEU D 121 42.28 20.09 -2.47
C LEU D 121 42.44 18.58 -2.35
N GLY D 122 42.13 17.83 -3.40
CA GLY D 122 42.38 16.40 -3.41
C GLY D 122 41.13 15.54 -3.53
N VAL D 123 40.05 16.10 -4.08
CA VAL D 123 38.85 15.30 -4.29
C VAL D 123 39.08 14.33 -5.44
N ASP D 124 38.35 13.21 -5.40
CA ASP D 124 38.50 12.15 -6.38
C ASP D 124 37.41 12.13 -7.44
N ILE D 125 36.19 12.56 -7.11
CA ILE D 125 35.06 12.41 -8.02
C ILE D 125 34.37 13.76 -8.17
N ILE D 126 33.97 14.03 -9.41
CA ILE D 126 33.18 15.22 -9.76
C ILE D 126 31.81 14.73 -10.22
N ASN D 127 30.79 15.01 -9.41
CA ASN D 127 29.42 14.62 -9.72
C ASN D 127 28.75 15.74 -10.50
N ASP D 128 28.67 15.57 -11.82
CA ASP D 128 28.08 16.57 -12.70
C ASP D 128 26.63 16.22 -12.96
N GLN D 129 25.71 17.09 -12.55
CA GLN D 129 24.28 16.86 -12.75
C GLN D 129 23.83 17.13 -14.17
N TRP D 130 24.58 17.89 -14.95
CA TRP D 130 24.23 18.19 -16.33
C TRP D 130 25.09 17.45 -17.34
N ALA D 131 26.02 16.60 -16.88
CA ALA D 131 26.85 15.77 -17.76
C ALA D 131 27.64 16.61 -18.76
N GLY D 132 28.12 17.78 -18.31
CA GLY D 132 28.90 18.65 -19.16
C GLY D 132 28.12 19.53 -20.10
N LEU D 133 26.79 19.46 -20.09
CA LEU D 133 26.00 20.30 -20.99
C LEU D 133 25.99 21.75 -20.54
N TYR D 134 25.99 21.99 -19.22
CA TYR D 134 25.99 23.37 -18.72
C TYR D 134 27.35 24.03 -18.96
N ASP D 135 28.44 23.34 -18.60
CA ASP D 135 29.79 23.87 -18.76
C ASP D 135 30.61 22.84 -19.52
N HIS D 136 30.92 23.15 -20.78
CA HIS D 136 31.69 22.22 -21.61
C HIS D 136 33.16 22.16 -21.22
N ARG D 137 33.64 23.12 -20.45
CA ARG D 137 35.02 23.11 -19.95
C ARG D 137 35.23 22.12 -18.82
N MET D 138 34.17 21.45 -18.35
CA MET D 138 34.29 20.51 -17.25
C MET D 138 35.11 19.29 -17.63
N PHE D 139 35.02 18.86 -18.89
CA PHE D 139 35.75 17.66 -19.32
C PHE D 139 37.26 17.88 -19.28
N GLN D 140 37.71 19.06 -19.75
CA GLN D 140 39.14 19.35 -19.72
C GLN D 140 39.64 19.44 -18.29
N VAL D 141 38.79 19.86 -17.36
CA VAL D 141 39.21 20.00 -15.96
C VAL D 141 39.35 18.63 -15.30
N VAL D 142 38.38 17.73 -15.53
CA VAL D 142 38.48 16.41 -14.91
C VAL D 142 39.64 15.63 -15.51
N ALA D 143 39.78 15.65 -16.84
CA ALA D 143 40.93 14.97 -17.44
C ALA D 143 42.23 15.64 -17.03
N LYS D 144 42.20 16.93 -16.72
CA LYS D 144 43.42 17.60 -16.27
C LYS D 144 43.97 16.99 -14.97
N TYR D 145 43.09 16.64 -14.02
CA TYR D 145 43.53 16.07 -12.75
C TYR D 145 43.40 14.55 -12.71
N ASP D 146 43.11 13.91 -13.84
CA ASP D 146 43.00 12.46 -13.96
C ASP D 146 42.04 11.86 -12.93
N ALA D 147 40.86 12.47 -12.84
CA ALA D 147 39.83 12.10 -11.88
C ALA D 147 38.67 11.44 -12.60
N GLU D 148 37.69 10.99 -11.82
CA GLU D 148 36.49 10.35 -12.35
C GLU D 148 35.34 11.34 -12.36
N ILE D 149 34.47 11.19 -13.35
CA ILE D 149 33.33 12.08 -13.54
C ILE D 149 32.06 11.24 -13.69
N VAL D 150 30.97 11.72 -13.10
CA VAL D 150 29.65 11.11 -13.22
C VAL D 150 28.80 11.95 -14.14
N LEU D 151 28.23 11.32 -15.16
CA LEU D 151 27.38 12.00 -16.14
C LEU D 151 25.94 11.61 -15.86
N MET D 152 25.17 12.55 -15.32
CA MET D 152 23.78 12.31 -14.95
C MET D 152 22.85 12.83 -16.05
N HIS D 153 21.83 12.06 -16.35
CA HIS D 153 20.83 12.47 -17.34
C HIS D 153 19.94 13.56 -16.75
N ASN D 154 19.82 14.66 -17.49
CA ASN D 154 19.04 15.80 -17.03
C ASN D 154 18.39 16.48 -18.22
N GLY D 155 17.55 17.47 -17.93
CA GLY D 155 16.87 18.21 -18.96
C GLY D 155 15.68 18.95 -18.37
N ASN D 156 14.88 19.51 -19.27
CA ASN D 156 13.68 20.25 -18.89
C ASN D 156 12.43 19.38 -18.82
N GLY D 157 12.50 18.14 -19.29
CA GLY D 157 11.37 17.23 -19.32
C GLY D 157 10.80 17.00 -20.69
N ASN D 158 11.28 17.73 -21.70
CA ASN D 158 10.81 17.60 -23.07
C ASN D 158 11.82 16.78 -23.86
N ARG D 159 11.31 15.92 -24.74
CA ARG D 159 12.17 15.08 -25.56
C ARG D 159 11.40 14.60 -26.78
N ASP D 160 12.12 14.40 -27.87
CA ASP D 160 11.54 13.91 -29.11
C ASP D 160 11.70 12.41 -29.30
N GLU D 161 12.39 11.73 -28.41
CA GLU D 161 12.65 10.31 -28.49
C GLU D 161 12.24 9.64 -27.19
N PRO D 162 12.08 8.32 -27.19
CA PRO D 162 11.79 7.62 -25.94
C PRO D 162 12.85 7.91 -24.89
N VAL D 163 12.44 7.83 -23.62
CA VAL D 163 13.30 8.25 -22.52
C VAL D 163 14.58 7.41 -22.47
N VAL D 164 14.46 6.12 -22.77
CA VAL D 164 15.63 5.24 -22.74
C VAL D 164 16.55 5.56 -23.91
N GLU D 165 15.98 5.70 -25.11
CA GLU D 165 16.79 6.04 -26.27
C GLU D 165 17.35 7.46 -26.15
N GLU D 166 16.57 8.38 -25.58
CA GLU D 166 17.06 9.74 -25.38
C GLU D 166 18.17 9.78 -24.34
N MET D 167 18.05 8.96 -23.29
CA MET D 167 19.07 8.93 -22.25
C MET D 167 20.38 8.34 -22.78
N LEU D 168 20.30 7.22 -23.51
CA LEU D 168 21.49 6.57 -24.01
C LEU D 168 22.20 7.43 -25.05
N THR D 169 21.45 8.08 -25.94
CA THR D 169 22.08 8.92 -26.95
C THR D 169 22.79 10.12 -26.33
N SER D 170 22.16 10.74 -25.33
CA SER D 170 22.75 11.92 -24.72
C SER D 170 23.95 11.57 -23.85
N LEU D 171 23.85 10.51 -23.05
CA LEU D 171 24.94 10.16 -22.15
C LEU D 171 26.14 9.61 -22.92
N LEU D 172 25.89 8.76 -23.91
CA LEU D 172 26.99 8.21 -24.69
C LEU D 172 27.71 9.30 -25.49
N ALA D 173 26.97 10.31 -25.94
CA ALA D 173 27.61 11.43 -26.64
C ALA D 173 28.50 12.22 -25.69
N GLN D 174 28.02 12.48 -24.47
CA GLN D 174 28.86 13.17 -23.49
C GLN D 174 30.00 12.29 -23.01
N ALA D 175 29.78 10.97 -22.93
CA ALA D 175 30.85 10.06 -22.56
C ALA D 175 31.95 10.03 -23.60
N HIS D 176 31.59 10.16 -24.89
CA HIS D 176 32.59 10.22 -25.93
C HIS D 176 33.36 11.54 -25.87
N GLN D 177 32.66 12.62 -25.52
CA GLN D 177 33.34 13.91 -25.39
C GLN D 177 34.37 13.89 -24.27
N ALA D 178 34.07 13.18 -23.18
CA ALA D 178 35.03 13.05 -22.09
C ALA D 178 36.18 12.13 -22.44
N LYS D 179 35.93 11.07 -23.20
CA LYS D 179 37.02 10.20 -23.59
C LYS D 179 37.92 10.91 -24.59
N ILE D 180 37.35 11.74 -25.46
CA ILE D 180 38.24 12.50 -26.35
C ILE D 180 39.07 13.49 -25.57
N ALA D 181 38.53 14.06 -24.51
CA ALA D 181 39.29 14.98 -23.67
C ALA D 181 40.45 14.30 -22.94
N GLY D 182 40.47 12.97 -22.84
CA GLY D 182 41.57 12.26 -22.18
C GLY D 182 41.18 11.40 -20.97
N ILE D 183 39.90 11.32 -20.63
CA ILE D 183 39.45 10.52 -19.48
C ILE D 183 39.29 9.06 -19.92
N PRO D 184 39.91 8.10 -19.23
CA PRO D 184 39.73 6.69 -19.63
C PRO D 184 38.34 6.20 -19.27
N SER D 185 37.99 5.03 -19.83
CA SER D 185 36.64 4.51 -19.67
C SER D 185 36.35 4.15 -18.22
N ASN D 186 37.37 3.73 -17.47
CA ASN D 186 37.18 3.41 -16.06
C ASN D 186 36.61 4.59 -15.27
N LYS D 187 36.98 5.82 -15.63
CA LYS D 187 36.63 7.00 -14.85
C LYS D 187 35.40 7.74 -15.34
N ILE D 188 34.66 7.20 -16.31
CA ILE D 188 33.46 7.85 -16.83
C ILE D 188 32.25 7.09 -16.31
N TRP D 189 31.50 7.73 -15.42
CA TRP D 189 30.32 7.13 -14.80
C TRP D 189 29.04 7.67 -15.43
N LEU D 190 28.03 6.82 -15.50
CA LEU D 190 26.74 7.16 -16.10
C LEU D 190 25.65 7.01 -15.06
N ASP D 191 24.84 8.06 -14.90
CA ASP D 191 23.73 8.06 -13.98
C ASP D 191 22.42 8.24 -14.74
N PRO D 192 21.43 7.37 -14.55
CA PRO D 192 20.16 7.53 -15.28
C PRO D 192 19.41 8.81 -14.94
N GLY D 193 19.72 9.45 -13.81
CA GLY D 193 19.07 10.70 -13.46
C GLY D 193 17.61 10.56 -13.09
N ILE D 194 17.34 9.70 -12.11
CA ILE D 194 15.97 9.50 -11.63
C ILE D 194 15.51 10.76 -10.92
N GLY D 195 14.35 11.27 -11.32
CA GLY D 195 13.84 12.52 -10.80
C GLY D 195 14.21 13.75 -11.59
N PHE D 196 14.76 13.59 -12.79
CA PHE D 196 15.21 14.70 -13.62
C PHE D 196 14.71 14.50 -15.04
N ALA D 197 13.88 15.43 -15.51
CA ALA D 197 13.39 15.43 -16.89
C ALA D 197 12.62 14.15 -17.24
N LYS D 198 11.95 13.55 -16.25
CA LYS D 198 11.23 12.30 -16.48
C LYS D 198 9.92 12.33 -15.72
N THR D 199 8.89 11.73 -16.31
CA THR D 199 7.62 11.51 -15.62
C THR D 199 7.69 10.19 -14.86
N ARG D 200 6.63 9.93 -14.08
CA ARG D 200 6.59 8.69 -13.29
C ARG D 200 6.63 7.46 -14.18
N ASN D 201 6.07 7.53 -15.38
CA ASN D 201 6.16 6.41 -16.31
C ASN D 201 7.56 6.29 -16.91
N GLU D 202 8.21 7.42 -17.17
CA GLU D 202 9.56 7.37 -17.70
C GLU D 202 10.55 6.90 -16.65
N GLU D 203 10.33 7.25 -15.38
CA GLU D 203 11.16 6.72 -14.31
C GLU D 203 10.99 5.21 -14.19
N ALA D 204 9.75 4.73 -14.30
CA ALA D 204 9.52 3.29 -14.27
C ALA D 204 10.05 2.60 -15.52
N GLU D 205 10.05 3.29 -16.65
CA GLU D 205 10.63 2.73 -17.86
C GLU D 205 12.14 2.64 -17.76
N VAL D 206 12.78 3.61 -17.09
CA VAL D 206 14.22 3.59 -16.92
C VAL D 206 14.61 2.47 -15.97
N MET D 207 13.91 2.36 -14.83
CA MET D 207 14.25 1.36 -13.83
C MET D 207 14.02 -0.06 -14.34
N ALA D 208 13.10 -0.23 -15.30
CA ALA D 208 12.83 -1.55 -15.86
C ALA D 208 13.86 -1.97 -16.89
N ARG D 209 14.67 -1.05 -17.40
CA ARG D 209 15.65 -1.34 -18.44
C ARG D 209 17.05 -0.93 -18.01
N LEU D 210 17.43 -1.25 -16.77
CA LEU D 210 18.77 -0.91 -16.31
C LEU D 210 19.83 -1.75 -17.01
N ASP D 211 19.47 -2.94 -17.49
CA ASP D 211 20.45 -3.79 -18.16
C ASP D 211 20.94 -3.17 -19.46
N GLU D 212 20.09 -2.39 -20.14
CA GLU D 212 20.54 -1.70 -21.34
C GLU D 212 21.56 -0.62 -21.00
N LEU D 213 21.41 0.02 -19.84
CA LEU D 213 22.40 1.01 -19.41
C LEU D 213 23.68 0.35 -18.90
N VAL D 214 23.58 -0.87 -18.37
CA VAL D 214 24.78 -1.57 -17.93
C VAL D 214 25.58 -2.08 -19.13
N ALA D 215 24.90 -2.40 -20.24
CA ALA D 215 25.60 -2.85 -21.45
C ALA D 215 26.53 -1.79 -22.03
N THR D 216 26.44 -0.54 -21.55
CA THR D 216 27.36 0.51 -22.01
C THR D 216 28.83 0.18 -21.76
N GLU D 217 29.12 -0.75 -20.84
CA GLU D 217 30.44 -1.13 -20.37
C GLU D 217 31.14 -0.04 -19.57
N TYR D 218 30.46 1.10 -19.28
CA TYR D 218 30.85 2.13 -18.32
C TYR D 218 30.27 1.82 -16.94
N PRO D 219 30.96 2.21 -15.87
CA PRO D 219 30.40 2.03 -14.53
C PRO D 219 29.15 2.88 -14.34
N VAL D 220 28.08 2.25 -13.86
CA VAL D 220 26.78 2.90 -13.72
C VAL D 220 26.55 3.25 -12.25
N LEU D 221 26.17 4.50 -12.01
CA LEU D 221 25.79 4.97 -10.69
C LEU D 221 24.29 5.23 -10.65
N LEU D 222 23.61 4.63 -9.69
CA LEU D 222 22.17 4.80 -9.51
C LEU D 222 21.90 5.64 -8.27
N ALA D 223 21.10 6.69 -8.43
CA ALA D 223 20.79 7.63 -7.35
C ALA D 223 19.27 7.83 -7.29
N THR D 224 18.60 7.05 -6.43
CA THR D 224 17.16 7.18 -6.22
C THR D 224 16.80 7.30 -4.74
N SER D 225 17.73 7.75 -3.90
CA SER D 225 17.51 7.73 -2.46
C SER D 225 16.43 8.75 -2.07
N ARG D 226 15.34 8.26 -1.48
CA ARG D 226 14.29 9.08 -0.91
C ARG D 226 13.65 10.01 -1.95
N LYS D 227 13.68 9.61 -3.21
CA LYS D 227 13.10 10.40 -4.28
C LYS D 227 11.62 10.03 -4.47
N ARG D 228 10.95 10.79 -5.33
CA ARG D 228 9.53 10.56 -5.56
C ARG D 228 9.26 9.19 -6.17
N PHE D 229 10.23 8.63 -6.90
CA PHE D 229 10.04 7.29 -7.46
C PHE D 229 9.94 6.24 -6.35
N THR D 230 10.73 6.41 -5.28
CA THR D 230 10.63 5.49 -4.16
C THR D 230 9.29 5.60 -3.45
N LYS D 231 8.68 6.78 -3.48
CA LYS D 231 7.34 6.94 -2.92
C LYS D 231 6.32 6.14 -3.72
N LYS D 232 6.49 6.05 -5.04
CA LYS D 232 5.59 5.24 -5.85
C LYS D 232 5.77 3.76 -5.58
N MET D 233 6.97 3.34 -5.19
CA MET D 233 7.20 1.94 -4.86
C MET D 233 6.43 1.53 -3.61
N MET D 234 6.41 2.39 -2.60
CA MET D 234 5.63 2.09 -1.40
C MET D 234 4.14 2.23 -1.66
N GLY D 235 3.76 3.08 -2.62
CA GLY D 235 2.38 3.29 -2.99
C GLY D 235 1.62 4.30 -2.16
N TYR D 236 2.22 4.84 -1.11
CA TYR D 236 1.54 5.82 -0.26
C TYR D 236 2.49 6.96 0.09
N ASP D 237 1.93 8.02 0.64
CA ASP D 237 2.71 9.20 0.98
C ASP D 237 3.56 8.91 2.22
N THR D 238 4.85 9.24 2.14
CA THR D 238 5.78 8.91 3.21
C THR D 238 6.71 10.07 3.49
N THR D 239 7.36 9.99 4.64
CA THR D 239 8.47 10.87 4.95
C THR D 239 9.75 10.32 4.33
N PRO D 240 10.76 11.17 4.11
CA PRO D 240 11.99 10.67 3.46
C PRO D 240 12.64 9.51 4.19
N VAL D 241 12.71 9.56 5.52
CA VAL D 241 13.44 8.54 6.26
C VAL D 241 12.74 7.19 6.17
N GLU D 242 11.42 7.18 5.98
CA GLU D 242 10.69 5.93 5.84
C GLU D 242 10.80 5.33 4.44
N ARG D 243 11.59 5.93 3.56
CA ARG D 243 11.84 5.39 2.22
C ARG D 243 13.21 4.75 2.08
N ASP D 244 13.90 4.50 3.19
CA ASP D 244 15.23 3.89 3.10
C ASP D 244 15.16 2.42 2.74
N GLU D 245 14.11 1.72 3.17
CA GLU D 245 13.99 0.30 2.88
C GLU D 245 13.77 0.06 1.38
N VAL D 246 12.83 0.80 0.78
CA VAL D 246 12.64 0.68 -0.65
C VAL D 246 13.84 1.23 -1.41
N THR D 247 14.61 2.13 -0.78
CA THR D 247 15.87 2.56 -1.37
C THR D 247 16.90 1.42 -1.35
N ALA D 248 16.97 0.66 -0.26
CA ALA D 248 17.83 -0.50 -0.25
C ALA D 248 17.41 -1.50 -1.33
N ALA D 249 16.11 -1.56 -1.63
CA ALA D 249 15.65 -2.41 -2.71
C ALA D 249 16.19 -1.95 -4.06
N THR D 250 16.21 -0.63 -4.32
CA THR D 250 16.83 -0.20 -5.56
C THR D 250 18.31 -0.56 -5.61
N THR D 251 18.97 -0.60 -4.46
CA THR D 251 20.39 -0.95 -4.42
C THR D 251 20.61 -2.41 -4.80
N ALA D 252 19.89 -3.32 -4.17
CA ALA D 252 20.05 -4.75 -4.48
C ALA D 252 19.66 -5.04 -5.92
N TYR D 253 18.57 -4.44 -6.40
CA TYR D 253 18.13 -4.66 -7.78
C TYR D 253 19.17 -4.14 -8.77
N GLY D 254 19.79 -3.01 -8.47
CA GLY D 254 20.79 -2.45 -9.37
C GLY D 254 22.05 -3.30 -9.45
N ILE D 255 22.52 -3.80 -8.31
CA ILE D 255 23.72 -4.63 -8.30
C ILE D 255 23.51 -5.90 -9.10
N MET D 256 22.32 -6.49 -8.99
CA MET D 256 22.00 -7.67 -9.79
C MET D 256 21.94 -7.35 -11.28
N LYS D 257 21.72 -6.09 -11.64
CA LYS D 257 21.72 -5.68 -13.04
C LYS D 257 23.11 -5.29 -13.55
N GLY D 258 24.00 -4.86 -12.67
CA GLY D 258 25.36 -4.59 -13.08
C GLY D 258 25.88 -3.19 -12.80
N VAL D 259 25.15 -2.41 -11.99
CA VAL D 259 25.63 -1.07 -11.66
C VAL D 259 26.83 -1.16 -10.72
N ARG D 260 27.63 -0.09 -10.69
CA ARG D 260 28.87 -0.11 -9.93
C ARG D 260 28.87 0.75 -8.68
N ALA D 261 27.90 1.65 -8.52
CA ALA D 261 27.87 2.48 -7.32
C ALA D 261 26.43 2.94 -7.07
N VAL D 262 26.18 3.35 -5.83
CA VAL D 262 24.85 3.81 -5.43
C VAL D 262 25.01 5.08 -4.59
N ARG D 263 24.10 6.03 -4.81
CA ARG D 263 24.06 7.30 -4.08
C ARG D 263 22.90 7.25 -3.10
N VAL D 264 23.20 7.02 -1.82
CA VAL D 264 22.17 6.80 -0.82
C VAL D 264 22.37 7.74 0.37
N HIS D 265 21.29 7.93 1.12
CA HIS D 265 21.31 8.69 2.37
C HIS D 265 21.69 7.80 3.55
N ASN D 266 20.92 6.73 3.76
CA ASN D 266 21.19 5.77 4.83
C ASN D 266 22.34 4.89 4.40
N VAL D 267 23.53 5.19 4.91
CA VAL D 267 24.72 4.44 4.50
C VAL D 267 24.69 3.04 5.08
N GLU D 268 24.32 2.90 6.36
CA GLU D 268 24.44 1.61 7.04
C GLU D 268 23.51 0.57 6.41
N LEU D 269 22.28 0.97 6.10
CA LEU D 269 21.33 0.00 5.53
C LEU D 269 21.78 -0.45 4.14
N ASN D 270 22.28 0.46 3.32
CA ASN D 270 22.69 0.11 1.97
C ASN D 270 24.05 -0.55 1.95
N ALA D 271 24.97 -0.12 2.82
CA ALA D 271 26.31 -0.70 2.83
C ALA D 271 26.26 -2.16 3.27
N LYS D 272 25.48 -2.48 4.29
CA LYS D 272 25.37 -3.86 4.74
C LYS D 272 24.59 -4.70 3.76
N LEU D 273 23.68 -4.09 3.00
CA LEU D 273 22.95 -4.82 1.97
C LEU D 273 23.78 -4.99 0.70
N ALA D 274 24.54 -3.97 0.32
CA ALA D 274 25.37 -4.10 -0.88
C ALA D 274 26.47 -5.14 -0.68
N LYS D 275 27.07 -5.18 0.51
CA LYS D 275 28.07 -6.19 0.80
C LYS D 275 27.49 -7.60 0.72
N GLY D 276 26.22 -7.76 1.10
CA GLY D 276 25.59 -9.06 0.99
C GLY D 276 25.31 -9.45 -0.45
N ILE D 277 24.82 -8.50 -1.26
CA ILE D 277 24.56 -8.79 -2.66
C ILE D 277 25.86 -9.02 -3.42
N ASP D 278 26.90 -8.24 -3.10
CA ASP D 278 28.20 -8.44 -3.72
C ASP D 278 28.76 -9.82 -3.38
N PHE D 279 28.55 -10.28 -2.15
CA PHE D 279 29.00 -11.61 -1.76
C PHE D 279 28.27 -12.68 -2.57
N LEU D 280 26.95 -12.56 -2.68
CA LEU D 280 26.17 -13.58 -3.37
C LEU D 280 26.44 -13.58 -4.86
N LYS D 281 26.69 -12.41 -5.45
CA LYS D 281 26.99 -12.35 -6.88
C LYS D 281 28.38 -12.89 -7.17
N GLU D 282 29.37 -12.55 -6.35
CA GLU D 282 30.72 -13.08 -6.54
C GLU D 282 30.76 -14.58 -6.28
N ASN D 283 30.00 -15.05 -5.28
CA ASN D 283 29.94 -16.48 -5.02
C ASN D 283 29.27 -17.23 -6.16
N GLU D 284 28.27 -16.61 -6.80
CA GLU D 284 27.59 -17.25 -7.92
C GLU D 284 28.49 -17.31 -9.14
N ASN D 285 29.30 -16.28 -9.36
CA ASN D 285 30.21 -16.28 -10.50
C ASN D 285 31.36 -17.27 -10.31
N ALA D 286 31.81 -17.44 -9.06
CA ALA D 286 32.95 -18.32 -8.81
C ALA D 286 32.59 -19.79 -8.98
N ARG D 287 31.36 -20.19 -8.64
CA ARG D 287 30.93 -21.57 -8.70
C ARG D 287 30.20 -21.91 -9.99
N HIS D 288 30.56 -21.25 -11.09
CA HIS D 288 29.95 -21.54 -12.39
C HIS D 288 31.00 -21.52 -13.49
#